data_2JF9
#
_entry.id   2JF9
#
_cell.length_a   193.707
_cell.length_b   193.707
_cell.length_c   64.441
_cell.angle_alpha   90.00
_cell.angle_beta   90.00
_cell.angle_gamma   120.00
#
_symmetry.space_group_name_H-M   'P 32 2 1'
#
loop_
_entity.id
_entity.type
_entity.pdbx_description
1 polymer 'ESTROGEN RECEPTOR'
2 polymer 'AB5 PEPTIDE'
3 non-polymer 4-HYDROXYTAMOXIFEN
4 non-polymer 'BICARBONATE ION'
5 non-polymer 1,2-ETHANEDIOL
6 non-polymer 'CALCIUM ION'
7 water water
#
loop_
_entity_poly.entity_id
_entity_poly.type
_entity_poly.pdbx_seq_one_letter_code
_entity_poly.pdbx_strand_id
1 'polypeptide(L)'
;MGSSHHHHHHSSGLVPRGSHMENSLALSLTADQMVSALLDAEPPILYSEYDPTRPFSEASMMGLLTNLADRELVHMINWA
KRVPGFVDLTLHDQVHLLECAWLEILMIGLVWRSMEHPGKLLFAPNLLLDRNQGKCVEGMVEIFDMLLATSSRFRMMNLQ
GEEFVCLKSIILLNSGVYTFLSSTLKSLEEKDHIHRVLDKITDTLIHLMAKAGLTLQQQHQRLAQLLLILSHIRHMSNKG
MEHLYSMKCKNV
;
A,B,C
2 'polypeptide(L)' SPGSREWFKDMLS P,Q,R
#
loop_
_chem_comp.id
_chem_comp.type
_chem_comp.name
_chem_comp.formula
BCT non-polymer 'BICARBONATE ION' 'C H O3 -1'
CA non-polymer 'CALCIUM ION' 'Ca 2'
EDO non-polymer 1,2-ETHANEDIOL 'C2 H6 O2'
OHT non-polymer 4-HYDROXYTAMOXIFEN 'C26 H29 N O2'
#
# COMPACT_ATOMS: atom_id res chain seq x y z
N SER A 24 7.25 23.75 -15.34
CA SER A 24 6.74 22.72 -14.39
C SER A 24 7.82 21.69 -14.04
N LEU A 25 8.20 21.65 -12.77
CA LEU A 25 9.28 20.78 -12.28
C LEU A 25 9.16 19.34 -12.77
N ALA A 26 7.96 18.75 -12.63
CA ALA A 26 7.73 17.36 -12.98
C ALA A 26 8.22 16.96 -14.38
N LEU A 27 7.94 17.79 -15.39
CA LEU A 27 8.33 17.45 -16.76
C LEU A 27 9.80 17.72 -17.05
N SER A 28 10.49 18.43 -16.15
CA SER A 28 11.90 18.75 -16.31
C SER A 28 12.81 17.72 -15.64
N LEU A 29 12.24 16.80 -14.89
CA LEU A 29 13.02 15.81 -14.16
C LEU A 29 13.60 14.82 -15.16
N THR A 30 14.87 14.51 -15.01
CA THR A 30 15.44 13.36 -15.70
C THR A 30 14.85 12.12 -15.05
N ALA A 31 15.07 10.97 -15.67
CA ALA A 31 14.57 9.71 -15.16
C ALA A 31 15.16 9.38 -13.78
N ASP A 32 16.47 9.61 -13.62
CA ASP A 32 17.12 9.38 -12.33
C ASP A 32 16.55 10.28 -11.23
N GLN A 33 16.24 11.54 -11.56
CA GLN A 33 15.61 12.48 -10.63
C GLN A 33 14.18 12.06 -10.25
N MET A 34 13.43 11.57 -11.22
CA MET A 34 12.10 11.02 -10.97
C MET A 34 12.16 9.84 -9.98
N VAL A 35 13.05 8.89 -10.22
CA VAL A 35 13.21 7.75 -9.32
C VAL A 35 13.54 8.23 -7.90
N SER A 36 14.51 9.14 -7.78
CA SER A 36 14.91 9.67 -6.46
C SER A 36 13.75 10.32 -5.76
N ALA A 37 13.01 11.15 -6.48
CA ALA A 37 11.87 11.85 -5.90
C ALA A 37 10.80 10.86 -5.45
N LEU A 38 10.53 9.83 -6.24
CA LEU A 38 9.54 8.83 -5.85
C LEU A 38 10.00 7.99 -4.65
N LEU A 39 11.27 7.60 -4.63
CA LEU A 39 11.85 6.88 -3.50
C LEU A 39 11.83 7.73 -2.20
N ASP A 40 12.24 8.99 -2.33
CA ASP A 40 12.21 9.91 -1.19
C ASP A 40 10.78 10.20 -0.69
N ALA A 41 9.77 10.07 -1.56
CA ALA A 41 8.37 10.35 -1.18
C ALA A 41 7.72 9.25 -0.31
N GLU A 42 8.35 8.08 -0.21
CA GLU A 42 7.71 6.91 0.35
C GLU A 42 7.18 7.18 1.76
N PRO A 43 5.97 6.68 2.09
CA PRO A 43 5.44 6.87 3.43
C PRO A 43 6.16 5.96 4.42
N PRO A 44 6.02 6.24 5.74
CA PRO A 44 6.60 5.32 6.74
C PRO A 44 5.93 3.94 6.72
N ILE A 45 6.66 2.89 7.07
CA ILE A 45 6.10 1.56 7.27
C ILE A 45 5.41 1.56 8.64
N LEU A 46 4.12 1.27 8.67
CA LEU A 46 3.38 1.36 9.90
C LEU A 46 3.35 0.02 10.64
N TYR A 47 3.36 0.11 11.97
CA TYR A 47 3.16 -1.04 12.84
C TYR A 47 1.72 -1.13 13.31
N SER A 48 1.32 -2.32 13.71
CA SER A 48 -0.02 -2.53 14.24
C SER A 48 0.04 -2.62 15.78
N GLU A 49 -1.09 -2.37 16.43
CA GLU A 49 -1.20 -2.61 17.87
C GLU A 49 -2.38 -3.54 18.13
N TYR A 50 -2.14 -4.51 19.01
CA TYR A 50 -3.16 -5.47 19.43
C TYR A 50 -2.66 -6.26 20.63
N ASP A 51 -3.60 -6.89 21.34
CA ASP A 51 -3.30 -7.80 22.42
C ASP A 51 -2.83 -9.13 21.80
N PRO A 52 -1.53 -9.48 21.98
CA PRO A 52 -1.00 -10.68 21.31
C PRO A 52 -1.25 -11.98 22.08
N THR A 53 -1.93 -11.89 23.22
CA THR A 53 -2.30 -13.05 24.01
C THR A 53 -3.77 -13.42 23.78
N ARG A 54 -4.41 -12.69 22.86
CA ARG A 54 -5.83 -12.80 22.59
C ARG A 54 -6.02 -13.27 21.15
N PRO A 55 -6.81 -14.34 20.94
CA PRO A 55 -7.02 -14.82 19.56
C PRO A 55 -7.87 -13.86 18.71
N PHE A 56 -7.62 -13.88 17.40
CA PHE A 56 -8.42 -13.11 16.46
C PHE A 56 -9.87 -13.59 16.43
N SER A 57 -10.79 -12.65 16.26
CA SER A 57 -12.15 -12.94 15.84
C SER A 57 -12.38 -12.20 14.53
N GLU A 58 -13.56 -12.40 13.94
CA GLU A 58 -13.92 -11.69 12.71
C GLU A 58 -13.93 -10.19 12.94
N ALA A 59 -14.58 -9.78 14.04
CA ALA A 59 -14.67 -8.38 14.42
C ALA A 59 -13.29 -7.79 14.72
N SER A 60 -12.46 -8.52 15.46
CA SER A 60 -11.17 -7.97 15.88
C SER A 60 -10.17 -7.89 14.71
N MET A 61 -10.16 -8.90 13.83
CA MET A 61 -9.28 -8.88 12.66
C MET A 61 -9.69 -7.77 11.70
N MET A 62 -10.98 -7.68 11.37
CA MET A 62 -11.47 -6.62 10.51
C MET A 62 -11.22 -5.23 11.14
N GLY A 63 -11.36 -5.14 12.47
CA GLY A 63 -11.05 -3.93 13.20
C GLY A 63 -9.57 -3.57 13.10
N LEU A 64 -8.72 -4.58 13.17
CA LEU A 64 -7.29 -4.37 13.06
C LEU A 64 -6.88 -3.85 11.68
N LEU A 65 -7.42 -4.46 10.62
CA LEU A 65 -7.10 -4.07 9.23
C LEU A 65 -7.69 -2.68 8.91
N THR A 66 -8.88 -2.40 9.43
CA THR A 66 -9.54 -1.09 9.29
C THR A 66 -8.69 0.00 9.95
N ASN A 67 -8.26 -0.26 11.17
CA ASN A 67 -7.39 0.66 11.91
C ASN A 67 -6.12 1.00 11.14
N LEU A 68 -5.43 -0.05 10.68
CA LEU A 68 -4.22 0.11 9.87
C LEU A 68 -4.48 0.92 8.59
N ALA A 69 -5.50 0.54 7.82
CA ALA A 69 -5.81 1.25 6.58
C ALA A 69 -6.11 2.73 6.82
N ASP A 70 -6.85 3.02 7.89
CA ASP A 70 -7.23 4.40 8.20
C ASP A 70 -5.99 5.25 8.54
N ARG A 71 -5.05 4.66 9.28
CA ARG A 71 -3.78 5.31 9.57
C ARG A 71 -2.92 5.49 8.30
N GLU A 72 -2.81 4.45 7.48
CA GLU A 72 -2.10 4.56 6.20
C GLU A 72 -2.67 5.64 5.28
N LEU A 73 -3.99 5.80 5.27
CA LEU A 73 -4.63 6.87 4.54
C LEU A 73 -4.12 8.27 4.90
N VAL A 74 -3.90 8.52 6.19
CA VAL A 74 -3.34 9.80 6.64
C VAL A 74 -1.96 10.04 6.01
N HIS A 75 -1.10 9.04 6.08
CA HIS A 75 0.25 9.16 5.51
C HIS A 75 0.28 9.15 4.00
N MET A 76 -0.74 8.55 3.38
CA MET A 76 -0.90 8.54 1.93
C MET A 76 -1.02 9.94 1.38
N ILE A 77 -1.72 10.81 2.12
CA ILE A 77 -1.87 12.21 1.72
C ILE A 77 -0.50 12.90 1.59
N ASN A 78 0.38 12.70 2.57
CA ASN A 78 1.70 13.34 2.55
C ASN A 78 2.57 12.79 1.40
N TRP A 79 2.43 11.49 1.13
CA TRP A 79 3.10 10.88 0.00
C TRP A 79 2.62 11.46 -1.33
N ALA A 80 1.30 11.53 -1.50
CA ALA A 80 0.69 11.99 -2.75
C ALA A 80 1.19 13.38 -3.13
N LYS A 81 1.27 14.27 -2.13
CA LYS A 81 1.77 15.63 -2.33
C LYS A 81 3.23 15.70 -2.77
N ARG A 82 4.00 14.64 -2.51
CA ARG A 82 5.39 14.55 -2.95
C ARG A 82 5.56 13.83 -4.29
N VAL A 83 4.47 13.30 -4.86
CA VAL A 83 4.53 12.67 -6.18
C VAL A 83 4.64 13.80 -7.21
N PRO A 84 5.72 13.80 -8.04
CA PRO A 84 5.87 14.86 -9.05
C PRO A 84 4.61 15.08 -9.90
N GLY A 85 4.12 16.31 -9.90
CA GLY A 85 2.93 16.67 -10.70
C GLY A 85 1.65 16.80 -9.90
N PHE A 86 1.53 16.03 -8.81
CA PHE A 86 0.27 15.97 -8.06
C PHE A 86 -0.19 17.33 -7.52
N VAL A 87 0.75 18.07 -6.94
CA VAL A 87 0.43 19.33 -6.28
C VAL A 87 0.15 20.47 -7.29
N ASP A 88 0.53 20.27 -8.55
CA ASP A 88 0.18 21.21 -9.62
C ASP A 88 -1.32 21.17 -9.93
N LEU A 89 -1.97 20.04 -9.65
CA LEU A 89 -3.40 19.86 -9.92
C LEU A 89 -4.24 20.68 -8.96
N THR A 90 -5.48 20.95 -9.35
CA THR A 90 -6.42 21.65 -8.48
C THR A 90 -6.80 20.74 -7.32
N LEU A 91 -7.33 21.33 -6.25
CA LEU A 91 -7.84 20.57 -5.12
C LEU A 91 -8.83 19.52 -5.59
N HIS A 92 -9.81 19.94 -6.39
CA HIS A 92 -10.83 19.02 -6.93
C HIS A 92 -10.21 17.78 -7.59
N ASP A 93 -9.17 17.97 -8.40
CA ASP A 93 -8.53 16.87 -9.12
C ASP A 93 -7.75 15.96 -8.20
N GLN A 94 -7.08 16.55 -7.20
CA GLN A 94 -6.35 15.80 -6.19
C GLN A 94 -7.27 14.86 -5.40
N VAL A 95 -8.38 15.42 -4.91
CA VAL A 95 -9.40 14.67 -4.19
C VAL A 95 -9.91 13.51 -5.06
N HIS A 96 -10.23 13.82 -6.32
CA HIS A 96 -10.79 12.83 -7.25
C HIS A 96 -9.84 11.64 -7.46
N LEU A 97 -8.57 11.93 -7.73
CA LEU A 97 -7.58 10.89 -7.97
C LEU A 97 -7.34 10.04 -6.73
N LEU A 98 -7.21 10.69 -5.57
CA LEU A 98 -7.05 9.94 -4.34
C LEU A 98 -8.29 9.13 -3.97
N GLU A 99 -9.48 9.72 -4.12
CA GLU A 99 -10.74 9.02 -3.81
C GLU A 99 -10.87 7.72 -4.65
N CYS A 100 -10.43 7.80 -5.90
CA CYS A 100 -10.49 6.67 -6.81
C CYS A 100 -9.45 5.57 -6.56
N ALA A 101 -8.24 6.00 -6.23
CA ALA A 101 -7.05 5.14 -6.21
C ALA A 101 -6.63 4.58 -4.85
N TRP A 102 -7.19 5.09 -3.75
CA TRP A 102 -6.56 4.84 -2.43
C TRP A 102 -6.45 3.35 -2.07
N LEU A 103 -7.50 2.56 -2.30
CA LEU A 103 -7.47 1.15 -1.96
C LEU A 103 -6.49 0.39 -2.87
N GLU A 104 -6.40 0.79 -4.15
CA GLU A 104 -5.39 0.22 -5.03
C GLU A 104 -3.99 0.51 -4.53
N ILE A 105 -3.78 1.73 -4.05
CA ILE A 105 -2.50 2.15 -3.48
C ILE A 105 -2.14 1.36 -2.21
N LEU A 106 -3.12 1.15 -1.32
CA LEU A 106 -2.90 0.28 -0.15
C LEU A 106 -2.56 -1.15 -0.52
N MET A 107 -3.25 -1.68 -1.50
CA MET A 107 -3.09 -3.07 -1.91
C MET A 107 -1.77 -3.31 -2.62
N ILE A 108 -1.35 -2.40 -3.51
CA ILE A 108 -0.05 -2.58 -4.13
C ILE A 108 1.07 -2.49 -3.11
N GLY A 109 0.95 -1.59 -2.13
CA GLY A 109 1.92 -1.53 -1.06
C GLY A 109 1.97 -2.82 -0.26
N LEU A 110 0.80 -3.36 0.06
CA LEU A 110 0.69 -4.62 0.78
C LEU A 110 1.37 -5.77 0.01
N VAL A 111 1.07 -5.85 -1.29
CA VAL A 111 1.64 -6.88 -2.16
C VAL A 111 3.16 -6.74 -2.19
N TRP A 112 3.66 -5.52 -2.38
CA TRP A 112 5.10 -5.28 -2.35
C TRP A 112 5.77 -5.78 -1.05
N ARG A 113 5.21 -5.39 0.09
CA ARG A 113 5.88 -5.77 1.32
C ARG A 113 5.77 -7.26 1.69
N SER A 114 4.85 -7.93 1.02
CA SER A 114 4.66 -9.38 1.15
C SER A 114 5.49 -10.22 0.18
N MET A 115 6.16 -9.57 -0.77
CA MET A 115 6.84 -10.24 -1.87
C MET A 115 7.78 -11.33 -1.39
N GLU A 116 8.58 -11.04 -0.37
CA GLU A 116 9.58 -11.99 0.11
C GLU A 116 9.06 -12.91 1.22
N HIS A 117 7.74 -12.95 1.37
CA HIS A 117 7.06 -13.83 2.32
C HIS A 117 5.99 -14.70 1.65
N PRO A 118 6.41 -15.71 0.89
CA PRO A 118 5.47 -16.55 0.12
C PRO A 118 4.37 -17.10 1.02
N GLY A 119 3.11 -17.02 0.59
CA GLY A 119 1.99 -17.56 1.37
C GLY A 119 1.42 -16.64 2.45
N LYS A 120 2.07 -15.50 2.68
CA LYS A 120 1.70 -14.60 3.76
C LYS A 120 1.50 -13.17 3.25
N LEU A 121 0.67 -12.42 3.97
CA LEU A 121 0.50 -11.02 3.71
C LEU A 121 1.07 -10.25 4.90
N LEU A 122 2.03 -9.38 4.61
CA LEU A 122 2.73 -8.63 5.66
C LEU A 122 2.02 -7.28 5.75
N PHE A 123 0.92 -7.28 6.50
CA PHE A 123 0.19 -6.03 6.75
C PHE A 123 1.05 -5.01 7.45
N ALA A 124 1.80 -5.49 8.45
CA ALA A 124 2.77 -4.70 9.21
C ALA A 124 3.91 -5.63 9.59
N PRO A 125 5.07 -5.07 10.01
CA PRO A 125 6.13 -5.97 10.43
C PRO A 125 5.76 -6.87 11.58
N ASN A 126 4.78 -6.46 12.39
CA ASN A 126 4.29 -7.28 13.50
C ASN A 126 2.89 -7.83 13.22
N LEU A 127 2.47 -7.85 11.96
CA LEU A 127 1.18 -8.44 11.59
C LEU A 127 1.30 -9.16 10.23
N LEU A 128 1.62 -10.43 10.33
CA LEU A 128 1.88 -11.27 9.17
C LEU A 128 0.79 -12.31 9.19
N LEU A 129 -0.02 -12.36 8.15
CA LEU A 129 -1.19 -13.25 8.15
C LEU A 129 -1.11 -14.23 6.99
N ASP A 130 -1.54 -15.48 7.20
CA ASP A 130 -1.64 -16.38 6.05
C ASP A 130 -3.09 -16.51 5.58
N ARG A 131 -3.32 -17.25 4.48
CA ARG A 131 -4.67 -17.32 3.89
C ARG A 131 -5.69 -17.95 4.81
N ASN A 132 -5.26 -18.89 5.65
CA ASN A 132 -6.15 -19.52 6.60
C ASN A 132 -6.68 -18.50 7.62
N GLN A 133 -5.84 -17.55 8.01
CA GLN A 133 -6.27 -16.46 8.90
C GLN A 133 -7.24 -15.53 8.18
N GLY A 134 -7.14 -15.42 6.86
CA GLY A 134 -8.11 -14.68 6.07
C GLY A 134 -9.54 -15.20 6.21
N LYS A 135 -9.67 -16.49 6.52
CA LYS A 135 -10.99 -17.12 6.71
C LYS A 135 -11.69 -16.61 7.96
N CYS A 136 -10.96 -15.89 8.82
CA CYS A 136 -11.55 -15.32 10.05
C CYS A 136 -12.65 -14.30 9.75
N VAL A 137 -12.54 -13.65 8.59
CA VAL A 137 -13.54 -12.71 8.12
C VAL A 137 -14.25 -13.29 6.90
N GLU A 138 -15.57 -13.40 6.98
CA GLU A 138 -16.39 -13.95 5.90
C GLU A 138 -16.12 -13.20 4.59
N GLY A 139 -15.78 -13.94 3.54
CA GLY A 139 -15.48 -13.36 2.23
C GLY A 139 -14.08 -12.78 2.05
N MET A 140 -13.28 -12.73 3.10
CA MET A 140 -11.96 -12.12 2.96
C MET A 140 -10.91 -13.05 2.30
N VAL A 141 -11.06 -14.36 2.42
CA VAL A 141 -10.03 -15.29 1.91
C VAL A 141 -9.87 -15.21 0.38
N GLU A 142 -10.97 -14.90 -0.30
CA GLU A 142 -10.96 -14.75 -1.74
C GLU A 142 -10.06 -13.57 -2.15
N ILE A 143 -10.16 -12.49 -1.39
CA ILE A 143 -9.31 -11.31 -1.60
C ILE A 143 -7.85 -11.62 -1.25
N PHE A 144 -7.64 -12.28 -0.11
CA PHE A 144 -6.30 -12.73 0.30
C PHE A 144 -5.62 -13.53 -0.80
N ASP A 145 -6.34 -14.49 -1.39
CA ASP A 145 -5.80 -15.33 -2.45
C ASP A 145 -5.36 -14.50 -3.66
N MET A 146 -6.13 -13.48 -4.01
CA MET A 146 -5.76 -12.64 -5.13
C MET A 146 -4.50 -11.83 -4.84
N LEU A 147 -4.44 -11.27 -3.62
CA LEU A 147 -3.29 -10.51 -3.19
C LEU A 147 -2.04 -11.39 -3.16
N LEU A 148 -2.18 -12.63 -2.68
CA LEU A 148 -1.08 -13.59 -2.62
C LEU A 148 -0.56 -13.99 -4.00
N ALA A 149 -1.47 -14.25 -4.95
CA ALA A 149 -1.07 -14.50 -6.34
C ALA A 149 -0.35 -13.32 -6.96
N THR A 150 -0.75 -12.09 -6.63
CA THR A 150 -0.09 -10.90 -7.15
C THR A 150 1.32 -10.75 -6.55
N SER A 151 1.45 -11.05 -5.26
CA SER A 151 2.74 -10.96 -4.60
C SER A 151 3.71 -12.01 -5.16
N SER A 152 3.18 -13.20 -5.40
CA SER A 152 3.90 -14.28 -6.09
C SER A 152 4.37 -13.84 -7.49
N ARG A 153 3.48 -13.23 -8.26
CA ARG A 153 3.88 -12.66 -9.58
C ARG A 153 5.04 -11.66 -9.45
N PHE A 154 4.95 -10.74 -8.50
CA PHE A 154 6.01 -9.73 -8.20
C PHE A 154 7.36 -10.42 -7.96
N ARG A 155 7.32 -11.45 -7.11
CA ARG A 155 8.51 -12.19 -6.71
C ARG A 155 9.14 -12.83 -7.95
N MET A 156 8.32 -13.51 -8.74
CA MET A 156 8.77 -14.22 -9.91
C MET A 156 9.29 -13.29 -11.01
N MET A 157 8.74 -12.06 -11.11
CA MET A 157 9.30 -11.05 -11.99
C MET A 157 10.55 -10.38 -11.42
N ASN A 158 10.85 -10.66 -10.15
CA ASN A 158 11.90 -9.93 -9.45
C ASN A 158 11.68 -8.39 -9.51
N LEU A 159 10.45 -7.96 -9.20
CA LEU A 159 10.11 -6.53 -9.19
C LEU A 159 11.06 -5.76 -8.29
N GLN A 160 11.55 -4.64 -8.79
CA GLN A 160 12.51 -3.82 -8.04
C GLN A 160 11.76 -2.69 -7.36
N GLY A 161 12.32 -2.18 -6.27
CA GLY A 161 11.69 -1.09 -5.54
C GLY A 161 11.49 0.18 -6.38
N GLU A 162 12.45 0.47 -7.26
CA GLU A 162 12.33 1.59 -8.20
C GLU A 162 11.15 1.43 -9.17
N GLU A 163 10.89 0.20 -9.59
CA GLU A 163 9.74 -0.10 -10.44
C GLU A 163 8.45 0.04 -9.65
N PHE A 164 8.46 -0.50 -8.43
CA PHE A 164 7.31 -0.42 -7.55
C PHE A 164 6.82 1.04 -7.35
N VAL A 165 7.74 1.96 -7.07
CA VAL A 165 7.33 3.34 -6.79
C VAL A 165 6.74 4.00 -8.05
N CYS A 166 7.27 3.62 -9.22
CA CYS A 166 6.72 4.08 -10.50
C CYS A 166 5.28 3.60 -10.69
N LEU A 167 5.06 2.31 -10.45
CA LEU A 167 3.72 1.71 -10.58
C LEU A 167 2.68 2.30 -9.66
N LYS A 168 3.07 2.53 -8.41
CA LYS A 168 2.17 3.08 -7.41
C LYS A 168 1.75 4.51 -7.77
N SER A 169 2.70 5.29 -8.30
CA SER A 169 2.39 6.64 -8.78
C SER A 169 1.55 6.66 -10.06
N ILE A 170 1.78 5.69 -10.95
CA ILE A 170 0.90 5.50 -12.11
C ILE A 170 -0.55 5.24 -11.68
N ILE A 171 -0.74 4.43 -10.63
CA ILE A 171 -2.09 4.18 -10.10
C ILE A 171 -2.75 5.49 -9.67
N LEU A 172 -1.99 6.30 -8.92
CA LEU A 172 -2.52 7.58 -8.44
C LEU A 172 -2.96 8.47 -9.59
N LEU A 173 -2.14 8.55 -10.63
CA LEU A 173 -2.40 9.45 -11.73
C LEU A 173 -3.40 8.90 -12.75
N ASN A 174 -3.52 7.56 -12.84
CA ASN A 174 -4.32 6.90 -13.88
C ASN A 174 -5.73 6.48 -13.48
N SER A 175 -5.93 6.02 -12.26
CA SER A 175 -7.15 5.29 -11.96
C SER A 175 -8.41 6.13 -12.18
N GLY A 176 -8.35 7.41 -11.80
CA GLY A 176 -9.43 8.33 -12.06
C GLY A 176 -9.28 9.29 -13.25
N VAL A 177 -8.31 9.05 -14.13
CA VAL A 177 -7.89 10.07 -15.13
C VAL A 177 -8.86 10.34 -16.28
N TYR A 178 -9.87 9.49 -16.48
CA TYR A 178 -10.94 9.81 -17.42
C TYR A 178 -12.14 10.42 -16.68
N THR A 179 -12.51 9.80 -15.55
CA THR A 179 -13.65 10.27 -14.75
C THR A 179 -13.32 11.58 -14.04
N GLU A 189 -6.90 20.74 -20.41
CA GLU A 189 -5.46 20.77 -20.63
C GLU A 189 -4.69 20.22 -19.43
N GLU A 190 -5.18 20.51 -18.21
CA GLU A 190 -4.66 19.91 -16.98
C GLU A 190 -4.69 18.37 -17.00
N LYS A 191 -5.60 17.78 -17.78
CA LYS A 191 -5.61 16.33 -18.02
C LYS A 191 -4.49 15.93 -18.99
N ASP A 192 -4.14 16.83 -19.92
CA ASP A 192 -2.99 16.63 -20.81
C ASP A 192 -1.68 16.66 -20.01
N HIS A 193 -1.63 17.49 -18.97
CA HIS A 193 -0.48 17.54 -18.07
C HIS A 193 -0.25 16.20 -17.36
N ILE A 194 -1.33 15.62 -16.82
CA ILE A 194 -1.23 14.31 -16.16
C ILE A 194 -0.71 13.25 -17.15
N HIS A 195 -1.15 13.34 -18.41
CA HIS A 195 -0.74 12.36 -19.42
C HIS A 195 0.74 12.51 -19.78
N ARG A 196 1.25 13.74 -19.77
CA ARG A 196 2.68 13.95 -19.98
C ARG A 196 3.49 13.46 -18.79
N VAL A 197 2.96 13.65 -17.57
CA VAL A 197 3.56 13.06 -16.38
C VAL A 197 3.57 11.53 -16.43
N LEU A 198 2.44 10.94 -16.84
CA LEU A 198 2.35 9.48 -16.99
C LEU A 198 3.38 8.96 -18.05
N ASP A 199 3.52 9.69 -19.15
CA ASP A 199 4.53 9.35 -20.18
C ASP A 199 5.96 9.40 -19.61
N LYS A 200 6.22 10.38 -18.75
CA LYS A 200 7.55 10.48 -18.10
C LYS A 200 7.84 9.29 -17.17
N ILE A 201 6.82 8.80 -16.49
CA ILE A 201 6.99 7.61 -15.65
C ILE A 201 7.28 6.37 -16.52
N THR A 202 6.62 6.29 -17.68
CA THR A 202 6.94 5.26 -18.65
C THR A 202 8.42 5.35 -19.10
N ASP A 203 8.86 6.54 -19.49
CA ASP A 203 10.27 6.78 -19.83
C ASP A 203 11.16 6.31 -18.69
N THR A 204 10.73 6.59 -17.46
CA THR A 204 11.49 6.21 -16.26
C THR A 204 11.61 4.68 -16.09
N LEU A 205 10.50 3.97 -16.29
CA LEU A 205 10.53 2.50 -16.26
C LEU A 205 11.47 1.87 -17.29
N ILE A 206 11.40 2.37 -18.52
CA ILE A 206 12.28 1.90 -19.58
C ILE A 206 13.77 2.19 -19.25
N HIS A 207 14.05 3.41 -18.75
CA HIS A 207 15.39 3.79 -18.31
C HIS A 207 15.93 2.81 -17.28
N LEU A 208 15.16 2.54 -16.25
CA LEU A 208 15.55 1.57 -15.22
C LEU A 208 15.87 0.19 -15.84
N MET A 209 15.02 -0.25 -16.76
CA MET A 209 15.23 -1.55 -17.43
C MET A 209 16.46 -1.60 -18.37
N ALA A 210 16.67 -0.52 -19.12
CA ALA A 210 17.85 -0.38 -19.97
C ALA A 210 19.13 -0.35 -19.12
N LYS A 211 19.09 0.39 -18.02
CA LYS A 211 20.22 0.42 -17.08
C LYS A 211 20.50 -0.96 -16.47
N ALA A 212 19.45 -1.74 -16.24
CA ALA A 212 19.60 -3.13 -15.78
C ALA A 212 20.16 -4.09 -16.84
N GLY A 213 20.24 -3.66 -18.10
CA GLY A 213 20.81 -4.48 -19.16
C GLY A 213 19.81 -5.26 -20.01
N LEU A 214 18.52 -5.01 -19.86
CA LEU A 214 17.52 -5.70 -20.69
C LEU A 214 17.64 -5.28 -22.14
N THR A 215 17.45 -6.22 -23.06
CA THR A 215 17.37 -5.91 -24.48
C THR A 215 16.14 -5.06 -24.78
N LEU A 216 16.09 -4.44 -25.95
CA LEU A 216 14.88 -3.67 -26.34
C LEU A 216 13.62 -4.53 -26.25
N GLN A 217 13.66 -5.75 -26.75
CA GLN A 217 12.51 -6.66 -26.66
C GLN A 217 12.10 -6.97 -25.23
N GLN A 218 13.08 -7.25 -24.35
CA GLN A 218 12.81 -7.49 -22.94
C GLN A 218 12.25 -6.25 -22.22
N GLN A 219 12.70 -5.06 -22.62
CA GLN A 219 12.18 -3.82 -22.05
C GLN A 219 10.68 -3.63 -22.35
N HIS A 220 10.26 -3.77 -23.60
CA HIS A 220 8.81 -3.64 -23.90
C HIS A 220 7.97 -4.78 -23.32
N GLN A 221 8.51 -6.00 -23.32
CA GLN A 221 7.79 -7.12 -22.70
C GLN A 221 7.59 -6.92 -21.19
N ARG A 222 8.63 -6.46 -20.49
CA ARG A 222 8.51 -6.24 -19.05
C ARG A 222 7.64 -5.02 -18.71
N LEU A 223 7.72 -3.97 -19.52
CA LEU A 223 6.82 -2.81 -19.37
C LEU A 223 5.35 -3.26 -19.44
N ALA A 224 5.02 -4.08 -20.44
CA ALA A 224 3.68 -4.65 -20.54
C ALA A 224 3.29 -5.51 -19.34
N GLN A 225 4.18 -6.42 -18.93
CA GLN A 225 3.92 -7.32 -17.76
C GLN A 225 3.61 -6.52 -16.50
N LEU A 226 4.37 -5.44 -16.29
CA LEU A 226 4.17 -4.56 -15.13
C LEU A 226 2.85 -3.78 -15.20
N LEU A 227 2.55 -3.22 -16.36
CA LEU A 227 1.31 -2.46 -16.50
C LEU A 227 0.07 -3.35 -16.44
N LEU A 228 0.16 -4.58 -16.92
CA LEU A 228 -0.95 -5.53 -16.77
C LEU A 228 -1.26 -5.89 -15.30
N ILE A 229 -0.25 -5.89 -14.45
CA ILE A 229 -0.42 -5.99 -12.98
C ILE A 229 -1.47 -5.01 -12.49
N LEU A 230 -1.49 -3.82 -13.05
CA LEU A 230 -2.37 -2.77 -12.57
C LEU A 230 -3.83 -3.04 -12.85
N SER A 231 -4.13 -3.86 -13.85
CA SER A 231 -5.49 -4.28 -14.07
C SER A 231 -5.96 -5.24 -12.95
N HIS A 232 -5.07 -6.10 -12.47
CA HIS A 232 -5.36 -7.00 -11.36
C HIS A 232 -5.49 -6.27 -10.03
N ILE A 233 -4.66 -5.27 -9.81
CA ILE A 233 -4.77 -4.39 -8.64
C ILE A 233 -6.11 -3.65 -8.61
N ARG A 234 -6.52 -3.10 -9.76
CA ARG A 234 -7.84 -2.48 -9.86
C ARG A 234 -8.94 -3.48 -9.51
N HIS A 235 -8.84 -4.69 -10.04
CA HIS A 235 -9.84 -5.74 -9.76
C HIS A 235 -9.96 -6.04 -8.25
N MET A 236 -8.81 -6.20 -7.58
CA MET A 236 -8.80 -6.47 -6.16
C MET A 236 -9.37 -5.30 -5.33
N SER A 237 -9.06 -4.05 -5.72
CA SER A 237 -9.64 -2.86 -5.10
C SER A 237 -11.15 -2.87 -5.23
N ASN A 238 -11.65 -3.15 -6.43
CA ASN A 238 -13.09 -3.19 -6.64
C ASN A 238 -13.75 -4.26 -5.77
N LYS A 239 -13.14 -5.43 -5.70
CA LYS A 239 -13.66 -6.50 -4.86
C LYS A 239 -13.60 -6.12 -3.39
N GLY A 240 -12.50 -5.48 -2.99
CA GLY A 240 -12.37 -4.94 -1.62
C GLY A 240 -13.44 -3.90 -1.26
N MET A 241 -13.67 -2.92 -2.15
CA MET A 241 -14.68 -1.89 -1.90
C MET A 241 -16.07 -2.52 -1.77
N GLU A 242 -16.35 -3.48 -2.65
CA GLU A 242 -17.61 -4.23 -2.61
C GLU A 242 -17.81 -4.93 -1.23
N HIS A 243 -16.75 -5.58 -0.74
CA HIS A 243 -16.76 -6.25 0.55
C HIS A 243 -16.96 -5.25 1.71
N LEU A 244 -16.20 -4.15 1.68
CA LEU A 244 -16.41 -3.04 2.64
C LEU A 244 -17.84 -2.49 2.66
N TYR A 245 -18.44 -2.27 1.50
CA TYR A 245 -19.85 -1.82 1.42
C TYR A 245 -20.85 -2.84 1.98
N SER A 246 -20.66 -4.12 1.67
CA SER A 246 -21.58 -5.16 2.13
C SER A 246 -21.56 -5.35 3.65
N MET A 247 -20.45 -5.00 4.30
CA MET A 247 -20.39 -5.03 5.76
C MET A 247 -20.36 -3.60 6.33
N SER B 24 2.10 -23.18 -29.08
CA SER B 24 3.32 -23.72 -29.77
C SER B 24 3.32 -23.33 -31.25
N LEU B 25 2.16 -23.51 -31.89
CA LEU B 25 1.91 -22.94 -33.21
C LEU B 25 1.83 -21.42 -33.09
N ALA B 26 1.11 -20.95 -32.06
CA ALA B 26 1.04 -19.53 -31.69
C ALA B 26 2.41 -18.88 -31.44
N LEU B 27 3.29 -19.60 -30.77
CA LEU B 27 4.60 -19.07 -30.41
C LEU B 27 5.53 -18.93 -31.63
N SER B 28 5.18 -19.56 -32.75
CA SER B 28 6.00 -19.51 -33.97
C SER B 28 5.53 -18.44 -34.98
N LEU B 29 4.34 -17.88 -34.79
CA LEU B 29 3.79 -16.91 -35.73
C LEU B 29 4.66 -15.67 -35.77
N THR B 30 4.81 -15.06 -36.94
CA THR B 30 5.46 -13.76 -37.02
C THR B 30 4.48 -12.72 -36.47
N ALA B 31 4.94 -11.48 -36.27
CA ALA B 31 4.03 -10.41 -35.88
C ALA B 31 2.91 -10.19 -36.92
N ASP B 32 3.24 -10.23 -38.20
CA ASP B 32 2.24 -10.04 -39.26
C ASP B 32 1.19 -11.16 -39.29
N GLN B 33 1.64 -12.39 -39.05
CA GLN B 33 0.75 -13.55 -38.96
C GLN B 33 -0.16 -13.48 -37.73
N MET B 34 0.35 -12.95 -36.62
CA MET B 34 -0.46 -12.75 -35.43
C MET B 34 -1.57 -11.73 -35.69
N VAL B 35 -1.20 -10.59 -36.27
CA VAL B 35 -2.17 -9.56 -36.69
C VAL B 35 -3.23 -10.19 -37.58
N SER B 36 -2.80 -10.95 -38.59
CA SER B 36 -3.73 -11.57 -39.53
C SER B 36 -4.67 -12.52 -38.84
N ALA B 37 -4.14 -13.37 -37.97
CA ALA B 37 -4.96 -14.31 -37.21
C ALA B 37 -5.97 -13.60 -36.32
N LEU B 38 -5.56 -12.52 -35.67
CA LEU B 38 -6.47 -11.77 -34.82
C LEU B 38 -7.58 -11.07 -35.60
N LEU B 39 -7.22 -10.46 -36.72
CA LEU B 39 -8.21 -9.87 -37.62
C LEU B 39 -9.18 -10.92 -38.19
N ASP B 40 -8.66 -12.07 -38.63
CA ASP B 40 -9.50 -13.13 -39.19
C ASP B 40 -10.47 -13.70 -38.15
N ALA B 41 -10.12 -13.61 -36.87
CA ALA B 41 -10.92 -14.14 -35.79
C ALA B 41 -12.09 -13.21 -35.39
N GLU B 42 -12.10 -11.98 -35.90
CA GLU B 42 -13.08 -10.99 -35.47
C GLU B 42 -14.50 -11.49 -35.70
N PRO B 43 -15.37 -11.36 -34.69
CA PRO B 43 -16.77 -11.77 -34.87
C PRO B 43 -17.52 -10.73 -35.69
N PRO B 44 -18.72 -11.06 -36.21
CA PRO B 44 -19.53 -10.07 -36.93
C PRO B 44 -20.10 -9.00 -36.02
N ILE B 45 -20.57 -7.91 -36.60
CA ILE B 45 -21.31 -6.90 -35.83
C ILE B 45 -22.78 -7.34 -35.85
N LEU B 46 -23.38 -7.46 -34.66
CA LEU B 46 -24.75 -7.89 -34.51
C LEU B 46 -25.71 -6.69 -34.50
N TYR B 47 -26.91 -6.92 -34.99
CA TYR B 47 -28.01 -5.97 -34.89
C TYR B 47 -28.81 -6.26 -33.63
N SER B 48 -29.29 -5.22 -32.98
CA SER B 48 -30.25 -5.34 -31.90
C SER B 48 -31.52 -6.00 -32.44
N GLU B 49 -32.17 -6.82 -31.62
CA GLU B 49 -33.39 -7.56 -32.04
C GLU B 49 -34.38 -7.55 -30.87
N TYR B 50 -35.68 -7.56 -31.20
CA TYR B 50 -36.73 -7.59 -30.19
C TYR B 50 -37.25 -9.03 -29.97
N ASP B 51 -37.19 -9.47 -28.71
CA ASP B 51 -37.89 -10.69 -28.24
C ASP B 51 -39.39 -10.53 -28.34
N SER B 60 -38.00 -3.08 -22.01
CA SER B 60 -36.92 -2.50 -21.20
C SER B 60 -35.59 -2.44 -21.95
N MET B 61 -34.80 -1.41 -21.67
CA MET B 61 -33.50 -1.22 -22.31
C MET B 61 -32.52 -2.33 -21.94
N MET B 62 -32.63 -2.80 -20.70
CA MET B 62 -31.85 -3.88 -20.13
C MET B 62 -32.14 -5.20 -20.84
N GLY B 63 -33.42 -5.43 -21.15
CA GLY B 63 -33.85 -6.53 -22.02
C GLY B 63 -33.13 -6.54 -23.37
N LEU B 64 -33.07 -5.38 -24.03
CA LEU B 64 -32.36 -5.25 -25.31
C LEU B 64 -30.88 -5.53 -25.20
N LEU B 65 -30.25 -4.95 -24.17
CA LEU B 65 -28.84 -5.13 -23.95
C LEU B 65 -28.51 -6.58 -23.59
N THR B 66 -29.37 -7.21 -22.80
CA THR B 66 -29.18 -8.60 -22.38
C THR B 66 -29.27 -9.54 -23.60
N ASN B 67 -30.24 -9.30 -24.45
CA ASN B 67 -30.42 -10.04 -25.70
C ASN B 67 -29.17 -10.01 -26.53
N LEU B 68 -28.63 -8.80 -26.71
CA LEU B 68 -27.45 -8.56 -27.49
C LEU B 68 -26.27 -9.27 -26.89
N ALA B 69 -26.02 -9.02 -25.60
CA ALA B 69 -24.88 -9.60 -24.88
C ALA B 69 -24.87 -11.12 -24.99
N ASP B 70 -26.01 -11.74 -24.76
CA ASP B 70 -26.12 -13.20 -24.80
C ASP B 70 -25.84 -13.77 -26.20
N ARG B 71 -26.25 -13.04 -27.24
CA ARG B 71 -25.93 -13.41 -28.60
C ARG B 71 -24.44 -13.21 -28.91
N GLU B 72 -23.86 -12.11 -28.43
CA GLU B 72 -22.43 -11.87 -28.62
C GLU B 72 -21.56 -12.90 -27.94
N LEU B 73 -22.01 -13.40 -26.79
CA LEU B 73 -21.31 -14.44 -26.06
C LEU B 73 -21.12 -15.70 -26.89
N VAL B 74 -22.14 -16.09 -27.68
CA VAL B 74 -21.99 -17.24 -28.56
C VAL B 74 -20.86 -17.01 -29.57
N HIS B 75 -20.83 -15.84 -30.21
CA HIS B 75 -19.75 -15.52 -31.14
C HIS B 75 -18.38 -15.44 -30.44
N MET B 76 -18.38 -15.01 -29.18
CA MET B 76 -17.16 -14.87 -28.40
C MET B 76 -16.44 -16.21 -28.18
N ILE B 77 -17.22 -17.27 -28.02
CA ILE B 77 -16.71 -18.63 -27.89
C ILE B 77 -15.79 -18.97 -29.07
N ASN B 78 -16.30 -18.80 -30.30
CA ASN B 78 -15.53 -19.17 -31.49
C ASN B 78 -14.41 -18.18 -31.79
N TRP B 79 -14.60 -16.91 -31.43
CA TRP B 79 -13.53 -15.92 -31.49
C TRP B 79 -12.35 -16.38 -30.61
N ALA B 80 -12.62 -16.69 -29.35
CA ALA B 80 -11.59 -17.10 -28.40
C ALA B 80 -10.77 -18.29 -28.90
N LYS B 81 -11.47 -19.27 -29.44
CA LYS B 81 -10.85 -20.47 -29.99
C LYS B 81 -9.96 -20.17 -31.19
N ARG B 82 -10.17 -19.03 -31.82
CA ARG B 82 -9.34 -18.59 -32.93
C ARG B 82 -8.21 -17.63 -32.52
N VAL B 83 -8.12 -17.29 -31.23
CA VAL B 83 -7.03 -16.46 -30.73
C VAL B 83 -5.83 -17.40 -30.53
N PRO B 84 -4.71 -17.13 -31.24
CA PRO B 84 -3.59 -18.08 -31.17
C PRO B 84 -3.15 -18.33 -29.73
N GLY B 85 -2.98 -19.61 -29.39
CA GLY B 85 -2.56 -20.01 -28.04
C GLY B 85 -3.70 -20.48 -27.16
N PHE B 86 -4.91 -19.96 -27.38
CA PHE B 86 -6.04 -20.23 -26.50
C PHE B 86 -6.42 -21.70 -26.40
N VAL B 87 -6.58 -22.38 -27.53
CA VAL B 87 -6.99 -23.80 -27.52
C VAL B 87 -5.86 -24.75 -27.11
N ASP B 88 -4.63 -24.26 -26.97
CA ASP B 88 -3.57 -25.08 -26.36
C ASP B 88 -3.85 -25.28 -24.88
N LEU B 89 -4.66 -24.42 -24.27
CA LEU B 89 -4.92 -24.49 -22.84
C LEU B 89 -5.93 -25.57 -22.56
N THR B 90 -5.93 -26.08 -21.31
CA THR B 90 -6.92 -27.06 -20.91
C THR B 90 -8.31 -26.42 -20.92
N LEU B 91 -9.33 -27.26 -21.01
CA LEU B 91 -10.72 -26.81 -20.94
C LEU B 91 -10.96 -25.95 -19.70
N HIS B 92 -10.51 -26.43 -18.54
CA HIS B 92 -10.61 -25.72 -17.26
C HIS B 92 -10.08 -24.28 -17.35
N ASP B 93 -8.90 -24.14 -17.93
CA ASP B 93 -8.24 -22.85 -18.03
C ASP B 93 -8.95 -21.93 -19.02
N GLN B 94 -9.44 -22.50 -20.13
CA GLN B 94 -10.23 -21.75 -21.12
C GLN B 94 -11.52 -21.19 -20.49
N VAL B 95 -12.24 -22.02 -19.76
CA VAL B 95 -13.45 -21.60 -19.05
C VAL B 95 -13.11 -20.48 -18.05
N HIS B 96 -12.07 -20.68 -17.25
CA HIS B 96 -11.69 -19.71 -16.23
C HIS B 96 -11.42 -18.35 -16.87
N LEU B 97 -10.62 -18.35 -17.94
CA LEU B 97 -10.24 -17.09 -18.59
C LEU B 97 -11.43 -16.37 -19.17
N LEU B 98 -12.31 -17.10 -19.85
CA LEU B 98 -13.50 -16.47 -20.44
C LEU B 98 -14.49 -16.03 -19.39
N GLU B 99 -14.65 -16.85 -18.37
CA GLU B 99 -15.53 -16.49 -17.28
C GLU B 99 -15.09 -15.17 -16.65
N CYS B 100 -13.78 -14.96 -16.57
CA CYS B 100 -13.24 -13.71 -16.00
C CYS B 100 -13.38 -12.49 -16.88
N ALA B 101 -13.15 -12.69 -18.17
CA ALA B 101 -12.93 -11.62 -19.12
C ALA B 101 -14.14 -11.23 -19.96
N TRP B 102 -15.21 -12.03 -20.00
CA TRP B 102 -16.23 -11.81 -21.03
C TRP B 102 -16.85 -10.44 -21.07
N LEU B 103 -17.13 -9.84 -19.91
CA LEU B 103 -17.77 -8.53 -19.88
C LEU B 103 -16.80 -7.43 -20.30
N GLU B 104 -15.54 -7.58 -19.91
CA GLU B 104 -14.45 -6.72 -20.42
C GLU B 104 -14.37 -6.79 -21.92
N ILE B 105 -14.46 -7.99 -22.48
CA ILE B 105 -14.41 -8.16 -23.93
C ILE B 105 -15.59 -7.50 -24.65
N LEU B 106 -16.79 -7.66 -24.10
CA LEU B 106 -17.96 -6.96 -24.63
C LEU B 106 -17.80 -5.43 -24.56
N MET B 107 -17.26 -4.96 -23.45
CA MET B 107 -17.12 -3.54 -23.21
C MET B 107 -16.07 -2.93 -24.11
N ILE B 108 -14.93 -3.59 -24.28
CA ILE B 108 -13.93 -3.03 -25.18
C ILE B 108 -14.45 -2.98 -26.60
N GLY B 109 -15.21 -4.01 -27.02
CA GLY B 109 -15.90 -3.98 -28.28
C GLY B 109 -16.86 -2.79 -28.42
N LEU B 110 -17.67 -2.56 -27.39
CA LEU B 110 -18.61 -1.45 -27.40
C LEU B 110 -17.91 -0.12 -27.56
N VAL B 111 -16.84 0.07 -26.78
CA VAL B 111 -16.06 1.31 -26.83
C VAL B 111 -15.45 1.52 -28.22
N TRP B 112 -14.89 0.44 -28.80
CA TRP B 112 -14.31 0.50 -30.15
C TRP B 112 -15.35 0.94 -31.18
N ARG B 113 -16.52 0.33 -31.16
CA ARG B 113 -17.48 0.74 -32.19
C ARG B 113 -18.19 2.09 -31.94
N SER B 114 -18.08 2.62 -30.72
CA SER B 114 -18.62 3.94 -30.38
C SER B 114 -17.63 5.09 -30.67
N MET B 115 -16.42 4.73 -31.07
CA MET B 115 -15.34 5.70 -31.29
C MET B 115 -15.75 6.83 -32.23
N GLU B 116 -16.37 6.49 -33.35
CA GLU B 116 -16.82 7.50 -34.33
C GLU B 116 -18.17 8.18 -33.97
N HIS B 117 -18.63 8.01 -32.72
CA HIS B 117 -19.92 8.55 -32.29
C HIS B 117 -19.79 9.31 -30.97
N PRO B 118 -19.17 10.51 -31.01
CA PRO B 118 -18.93 11.27 -29.79
C PRO B 118 -20.21 11.47 -28.98
N GLY B 119 -20.15 11.13 -27.69
CA GLY B 119 -21.28 11.33 -26.81
C GLY B 119 -22.33 10.24 -26.88
N LYS B 120 -22.05 9.19 -27.66
CA LYS B 120 -23.00 8.10 -27.85
C LYS B 120 -22.32 6.75 -27.74
N LEU B 121 -23.08 5.74 -27.37
CA LEU B 121 -22.62 4.37 -27.39
C LEU B 121 -23.36 3.60 -28.48
N LEU B 122 -22.62 3.00 -29.40
CA LEU B 122 -23.22 2.22 -30.50
C LEU B 122 -23.23 0.76 -30.07
N PHE B 123 -24.28 0.40 -29.34
CA PHE B 123 -24.47 -0.97 -28.92
C PHE B 123 -24.60 -1.87 -30.13
N ALA B 124 -25.36 -1.40 -31.11
CA ALA B 124 -25.52 -2.05 -32.40
C ALA B 124 -25.77 -0.94 -33.44
N PRO B 125 -25.65 -1.26 -34.75
CA PRO B 125 -25.96 -0.29 -35.81
C PRO B 125 -27.34 0.32 -35.69
N ASN B 126 -28.30 -0.44 -35.16
CA ASN B 126 -29.66 0.00 -34.98
C ASN B 126 -30.01 0.33 -33.51
N LEU B 127 -28.98 0.57 -32.71
CA LEU B 127 -29.12 0.83 -31.27
C LEU B 127 -27.96 1.71 -30.79
N LEU B 128 -28.15 3.00 -30.98
CA LEU B 128 -27.20 4.03 -30.62
C LEU B 128 -27.87 4.86 -29.53
N LEU B 129 -27.24 4.92 -28.37
CA LEU B 129 -27.81 5.61 -27.21
C LEU B 129 -26.92 6.79 -26.82
N ASP B 130 -27.52 7.93 -26.49
CA ASP B 130 -26.74 9.03 -25.88
C ASP B 130 -26.75 8.87 -24.35
N ARG B 131 -25.99 9.72 -23.67
CA ARG B 131 -25.81 9.60 -22.21
C ARG B 131 -27.12 9.70 -21.42
N ASN B 132 -28.01 10.58 -21.85
CA ASN B 132 -29.28 10.77 -21.17
C ASN B 132 -30.22 9.57 -21.33
N GLN B 133 -30.05 8.77 -22.38
CA GLN B 133 -30.77 7.50 -22.50
C GLN B 133 -30.28 6.45 -21.53
N GLY B 134 -29.04 6.58 -21.04
CA GLY B 134 -28.51 5.66 -20.03
C GLY B 134 -29.25 5.66 -18.70
N LYS B 135 -29.97 6.75 -18.40
CA LYS B 135 -30.71 6.87 -17.15
C LYS B 135 -31.94 5.95 -17.07
N CYS B 136 -32.25 5.28 -18.18
CA CYS B 136 -33.35 4.30 -18.26
C CYS B 136 -33.29 3.20 -17.17
N VAL B 137 -32.09 2.70 -16.89
CA VAL B 137 -31.87 1.68 -15.86
C VAL B 137 -31.20 2.32 -14.65
N GLU B 138 -31.86 2.27 -13.49
CA GLU B 138 -31.27 2.78 -12.26
C GLU B 138 -29.90 2.12 -12.13
N GLY B 139 -28.83 2.92 -12.06
CA GLY B 139 -27.46 2.39 -11.97
C GLY B 139 -26.60 2.45 -13.21
N MET B 140 -27.18 2.38 -14.41
CA MET B 140 -26.38 2.23 -15.66
C MET B 140 -25.64 3.52 -16.05
N VAL B 141 -26.09 4.68 -15.58
CA VAL B 141 -25.56 5.94 -16.17
C VAL B 141 -24.14 6.26 -15.65
N GLU B 142 -23.81 5.82 -14.44
CA GLU B 142 -22.40 5.75 -13.98
C GLU B 142 -21.49 5.00 -14.98
N ILE B 143 -21.94 3.81 -15.38
CA ILE B 143 -21.24 2.92 -16.34
C ILE B 143 -21.17 3.62 -17.71
N PHE B 144 -22.28 4.20 -18.14
CA PHE B 144 -22.36 4.90 -19.42
C PHE B 144 -21.28 5.98 -19.60
N ASP B 145 -21.14 6.84 -18.61
CA ASP B 145 -20.16 7.92 -18.66
C ASP B 145 -18.74 7.41 -18.72
N MET B 146 -18.47 6.35 -17.95
CA MET B 146 -17.14 5.71 -18.01
C MET B 146 -16.86 5.17 -19.40
N LEU B 147 -17.82 4.49 -19.99
CA LEU B 147 -17.66 3.95 -21.36
C LEU B 147 -17.44 5.06 -22.38
N LEU B 148 -18.20 6.15 -22.23
CA LEU B 148 -18.02 7.31 -23.09
C LEU B 148 -16.64 7.97 -22.92
N ALA B 149 -16.17 8.12 -21.68
CA ALA B 149 -14.81 8.66 -21.47
C ALA B 149 -13.75 7.75 -22.05
N THR B 150 -13.96 6.44 -22.03
CA THR B 150 -12.99 5.53 -22.62
C THR B 150 -13.01 5.62 -24.14
N SER B 151 -14.20 5.70 -24.74
CA SER B 151 -14.29 5.85 -26.17
C SER B 151 -13.63 7.15 -26.69
N SER B 152 -13.81 8.24 -25.92
CA SER B 152 -13.13 9.52 -26.14
C SER B 152 -11.59 9.38 -26.11
N ARG B 153 -11.08 8.63 -25.13
CA ARG B 153 -9.65 8.36 -25.06
C ARG B 153 -9.15 7.63 -26.32
N PHE B 154 -9.89 6.60 -26.76
CA PHE B 154 -9.56 5.85 -27.98
C PHE B 154 -9.47 6.79 -29.18
N ARG B 155 -10.45 7.69 -29.29
CA ARG B 155 -10.48 8.68 -30.36
C ARG B 155 -9.28 9.62 -30.28
N MET B 156 -8.95 10.11 -29.09
CA MET B 156 -7.81 11.04 -28.91
C MET B 156 -6.46 10.38 -29.24
N MET B 157 -6.35 9.08 -28.95
CA MET B 157 -5.17 8.29 -29.28
C MET B 157 -5.17 7.83 -30.71
N ASN B 158 -6.30 7.98 -31.39
CA ASN B 158 -6.49 7.46 -32.74
C ASN B 158 -6.18 5.96 -32.79
N LEU B 159 -6.80 5.20 -31.88
CA LEU B 159 -6.58 3.75 -31.81
C LEU B 159 -6.92 3.07 -33.12
N GLN B 160 -6.06 2.16 -33.56
CA GLN B 160 -6.22 1.46 -34.83
C GLN B 160 -6.86 0.10 -34.59
N GLY B 161 -7.55 -0.43 -35.61
CA GLY B 161 -8.18 -1.76 -35.51
C GLY B 161 -7.19 -2.86 -35.12
N GLU B 162 -5.99 -2.78 -35.67
CA GLU B 162 -4.97 -3.79 -35.43
C GLU B 162 -4.51 -3.75 -33.99
N GLU B 163 -4.43 -2.55 -33.44
CA GLU B 163 -4.16 -2.35 -32.02
C GLU B 163 -5.31 -2.86 -31.12
N PHE B 164 -6.53 -2.49 -31.49
CA PHE B 164 -7.73 -2.98 -30.80
C PHE B 164 -7.77 -4.52 -30.69
N VAL B 165 -7.54 -5.24 -31.78
CA VAL B 165 -7.59 -6.70 -31.69
C VAL B 165 -6.50 -7.28 -30.77
N CYS B 166 -5.34 -6.64 -30.71
CA CYS B 166 -4.29 -7.03 -29.78
C CYS B 166 -4.74 -6.84 -28.34
N LEU B 167 -5.34 -5.70 -28.04
CA LEU B 167 -5.82 -5.42 -26.68
C LEU B 167 -6.91 -6.39 -26.24
N LYS B 168 -7.83 -6.73 -27.14
CA LYS B 168 -8.92 -7.65 -26.79
C LYS B 168 -8.40 -9.04 -26.46
N SER B 169 -7.39 -9.50 -27.20
CA SER B 169 -6.78 -10.78 -26.95
C SER B 169 -5.94 -10.75 -25.64
N ILE B 170 -5.31 -9.62 -25.34
CA ILE B 170 -4.60 -9.45 -24.03
C ILE B 170 -5.59 -9.59 -22.86
N ILE B 171 -6.75 -8.93 -22.97
CA ILE B 171 -7.79 -9.07 -21.93
C ILE B 171 -8.15 -10.53 -21.70
N LEU B 172 -8.44 -11.24 -22.79
CA LEU B 172 -8.76 -12.64 -22.71
C LEU B 172 -7.71 -13.45 -21.96
N LEU B 173 -6.44 -13.23 -22.28
CA LEU B 173 -5.38 -14.04 -21.68
C LEU B 173 -4.90 -13.52 -20.31
N ASN B 174 -5.11 -12.25 -20.02
CA ASN B 174 -4.57 -11.66 -18.79
C ASN B 174 -5.54 -11.64 -17.59
N SER B 175 -6.82 -11.40 -17.84
CA SER B 175 -7.71 -10.99 -16.75
C SER B 175 -7.82 -12.01 -15.63
N GLY B 176 -7.88 -13.30 -15.98
CA GLY B 176 -7.87 -14.35 -15.00
C GLY B 176 -6.55 -15.06 -14.78
N VAL B 177 -5.43 -14.49 -15.25
CA VAL B 177 -4.16 -15.24 -15.39
C VAL B 177 -3.29 -15.41 -14.13
N TYR B 178 -3.49 -14.57 -13.11
CA TYR B 178 -2.60 -14.65 -11.94
C TYR B 178 -2.96 -15.87 -11.10
N THR B 179 -4.24 -16.26 -11.14
CA THR B 179 -4.75 -17.33 -10.31
C THR B 179 -4.17 -18.69 -10.74
N LEU B 188 2.14 -24.46 -13.12
CA LEU B 188 2.22 -23.11 -13.69
C LEU B 188 2.80 -23.09 -15.13
N GLU B 189 2.92 -24.27 -15.76
CA GLU B 189 3.30 -24.39 -17.18
C GLU B 189 2.22 -23.79 -18.09
N GLU B 190 1.00 -24.31 -18.00
CA GLU B 190 -0.16 -23.71 -18.68
C GLU B 190 -0.20 -22.18 -18.52
N LYS B 191 0.03 -21.69 -17.29
CA LYS B 191 0.15 -20.25 -17.02
C LYS B 191 1.48 -19.62 -17.53
N ASP B 192 2.58 -20.40 -17.54
CA ASP B 192 3.80 -19.98 -18.25
C ASP B 192 3.58 -19.78 -19.74
N HIS B 193 2.92 -20.75 -20.37
CA HIS B 193 2.60 -20.70 -21.79
C HIS B 193 1.79 -19.44 -22.10
N ILE B 194 0.80 -19.14 -21.27
CA ILE B 194 -0.01 -17.94 -21.43
C ILE B 194 0.88 -16.69 -21.41
N HIS B 195 1.89 -16.66 -20.55
CA HIS B 195 2.78 -15.51 -20.43
C HIS B 195 3.63 -15.31 -21.69
N ARG B 196 4.04 -16.40 -22.30
CA ARG B 196 4.76 -16.34 -23.58
C ARG B 196 3.86 -15.83 -24.70
N VAL B 197 2.60 -16.26 -24.73
CA VAL B 197 1.67 -15.76 -25.73
C VAL B 197 1.41 -14.26 -25.50
N LEU B 198 1.24 -13.89 -24.23
CA LEU B 198 1.08 -12.47 -23.88
C LEU B 198 2.29 -11.63 -24.35
N ASP B 199 3.51 -12.16 -24.17
CA ASP B 199 4.71 -11.46 -24.64
C ASP B 199 4.68 -11.30 -26.17
N LYS B 200 4.19 -12.32 -26.89
CA LYS B 200 4.03 -12.25 -28.35
C LYS B 200 3.12 -11.13 -28.83
N ILE B 201 2.00 -10.99 -28.14
CA ILE B 201 1.07 -9.92 -28.44
C ILE B 201 1.66 -8.54 -28.17
N THR B 202 2.42 -8.40 -27.09
CA THR B 202 3.21 -7.18 -26.86
C THR B 202 4.17 -6.88 -28.03
N ASP B 203 4.94 -7.89 -28.43
CA ASP B 203 5.82 -7.77 -29.59
C ASP B 203 5.03 -7.31 -30.82
N THR B 204 3.83 -7.86 -30.97
CA THR B 204 3.00 -7.53 -32.10
C THR B 204 2.55 -6.07 -32.07
N LEU B 205 2.10 -5.58 -30.91
CA LEU B 205 1.75 -4.16 -30.75
C LEU B 205 2.91 -3.24 -31.11
N ILE B 206 4.11 -3.58 -30.64
CA ILE B 206 5.31 -2.78 -30.93
C ILE B 206 5.64 -2.80 -32.43
N HIS B 207 5.50 -3.98 -33.04
CA HIS B 207 5.68 -4.13 -34.50
C HIS B 207 4.76 -3.17 -35.26
N LEU B 208 3.48 -3.15 -34.87
CA LEU B 208 2.50 -2.25 -35.50
C LEU B 208 2.88 -0.78 -35.37
N MET B 209 3.32 -0.38 -34.18
CA MET B 209 3.72 1.01 -33.91
C MET B 209 4.99 1.42 -34.66
N ALA B 210 5.95 0.51 -34.72
CA ALA B 210 7.19 0.74 -35.46
C ALA B 210 6.90 0.90 -36.95
N LYS B 211 6.04 0.03 -37.47
CA LYS B 211 5.60 0.05 -38.87
C LYS B 211 4.92 1.37 -39.25
N ALA B 212 4.17 1.93 -38.30
CA ALA B 212 3.48 3.22 -38.47
C ALA B 212 4.44 4.40 -38.37
N GLY B 213 5.69 4.14 -38.00
CA GLY B 213 6.71 5.18 -38.01
C GLY B 213 6.93 5.89 -36.70
N LEU B 214 6.38 5.36 -35.60
CA LEU B 214 6.67 5.92 -34.29
C LEU B 214 8.12 5.66 -33.90
N THR B 215 8.73 6.61 -33.23
CA THR B 215 10.06 6.42 -32.68
C THR B 215 10.01 5.42 -31.52
N LEU B 216 11.16 4.89 -31.12
CA LEU B 216 11.23 3.96 -30.01
C LEU B 216 10.55 4.53 -28.76
N GLN B 217 10.89 5.77 -28.39
CA GLN B 217 10.23 6.44 -27.26
C GLN B 217 8.70 6.50 -27.41
N GLN B 218 8.20 6.87 -28.60
CA GLN B 218 6.75 6.92 -28.86
C GLN B 218 6.06 5.58 -28.73
N GLN B 219 6.76 4.54 -29.18
CA GLN B 219 6.27 3.16 -29.11
C GLN B 219 6.09 2.75 -27.65
N HIS B 220 7.11 2.97 -26.82
CA HIS B 220 7.00 2.62 -25.40
C HIS B 220 5.89 3.44 -24.72
N GLN B 221 5.81 4.74 -25.01
CA GLN B 221 4.79 5.60 -24.42
C GLN B 221 3.39 5.14 -24.81
N ARG B 222 3.20 4.83 -26.10
CA ARG B 222 1.89 4.42 -26.57
C ARG B 222 1.49 3.03 -26.08
N LEU B 223 2.44 2.11 -26.01
CA LEU B 223 2.21 0.80 -25.41
C LEU B 223 1.68 0.98 -24.00
N ALA B 224 2.35 1.82 -23.21
CA ALA B 224 1.91 2.09 -21.83
C ALA B 224 0.49 2.70 -21.79
N GLN B 225 0.23 3.69 -22.64
CA GLN B 225 -1.07 4.35 -22.68
C GLN B 225 -2.21 3.34 -22.97
N LEU B 226 -1.97 2.45 -23.91
CA LEU B 226 -2.94 1.44 -24.32
C LEU B 226 -3.17 0.39 -23.21
N LEU B 227 -2.10 -0.04 -22.54
CA LEU B 227 -2.26 -1.03 -21.46
C LEU B 227 -2.96 -0.44 -20.23
N LEU B 228 -2.75 0.85 -19.97
CA LEU B 228 -3.42 1.49 -18.86
C LEU B 228 -4.92 1.56 -19.11
N ILE B 229 -5.36 1.64 -20.35
CA ILE B 229 -6.79 1.54 -20.69
C ILE B 229 -7.44 0.26 -20.15
N LEU B 230 -6.70 -0.84 -20.13
CA LEU B 230 -7.22 -2.11 -19.66
C LEU B 230 -7.57 -2.10 -18.18
N SER B 231 -6.89 -1.26 -17.39
CA SER B 231 -7.28 -1.01 -16.00
C SER B 231 -8.70 -0.40 -15.91
N HIS B 232 -8.99 0.56 -16.80
CA HIS B 232 -10.31 1.19 -16.86
C HIS B 232 -11.36 0.23 -17.37
N ILE B 233 -11.00 -0.62 -18.30
CA ILE B 233 -11.91 -1.63 -18.81
C ILE B 233 -12.25 -2.65 -17.68
N ARG B 234 -11.25 -3.05 -16.91
CA ARG B 234 -11.49 -3.93 -15.74
C ARG B 234 -12.48 -3.27 -14.78
N HIS B 235 -12.24 -2.01 -14.48
CA HIS B 235 -13.06 -1.25 -13.55
C HIS B 235 -14.53 -1.26 -13.99
N MET B 236 -14.75 -0.95 -15.24
CA MET B 236 -16.09 -0.86 -15.81
C MET B 236 -16.74 -2.22 -15.81
N SER B 237 -15.99 -3.27 -16.14
CA SER B 237 -16.54 -4.64 -16.04
C SER B 237 -16.93 -5.01 -14.61
N ASN B 238 -16.09 -4.68 -13.64
CA ASN B 238 -16.39 -4.97 -12.23
C ASN B 238 -17.67 -4.26 -11.81
N LYS B 239 -17.80 -3.00 -12.21
CA LYS B 239 -19.03 -2.24 -11.94
C LYS B 239 -20.26 -2.86 -12.63
N GLY B 240 -20.11 -3.24 -13.89
CA GLY B 240 -21.18 -3.90 -14.65
C GLY B 240 -21.62 -5.21 -14.01
N MET B 241 -20.65 -6.04 -13.63
CA MET B 241 -20.91 -7.35 -13.00
C MET B 241 -21.65 -7.20 -11.67
N GLU B 242 -21.23 -6.21 -10.88
CA GLU B 242 -21.95 -5.80 -9.66
C GLU B 242 -23.44 -5.53 -9.94
N HIS B 243 -23.71 -4.70 -10.94
CA HIS B 243 -25.06 -4.36 -11.35
C HIS B 243 -25.83 -5.63 -11.73
N LEU B 244 -25.25 -6.44 -12.60
CA LEU B 244 -25.92 -7.65 -13.06
C LEU B 244 -26.26 -8.63 -11.92
N TYR B 245 -25.31 -8.87 -11.02
CA TYR B 245 -25.53 -9.79 -9.89
C TYR B 245 -26.62 -9.30 -8.94
N SER B 246 -26.67 -7.99 -8.70
CA SER B 246 -27.64 -7.40 -7.76
C SER B 246 -29.07 -7.40 -8.27
N MET B 247 -29.26 -7.46 -9.59
CA MET B 247 -30.60 -7.50 -10.13
C MET B 247 -31.08 -8.95 -10.30
N LYS B 248 -30.16 -9.92 -10.22
CA LYS B 248 -30.51 -11.33 -10.01
C LYS B 248 -30.81 -11.56 -8.52
N SER C 24 21.10 -17.94 35.10
CA SER C 24 20.34 -17.22 34.04
C SER C 24 21.26 -16.72 32.91
N LEU C 25 20.82 -16.94 31.66
CA LEU C 25 21.57 -16.53 30.45
C LEU C 25 21.96 -15.07 30.41
N ALA C 26 21.04 -14.21 30.86
CA ALA C 26 21.30 -12.78 30.91
C ALA C 26 22.61 -12.43 31.64
N LEU C 27 22.92 -13.16 32.71
CA LEU C 27 24.13 -12.87 33.49
C LEU C 27 25.42 -13.40 32.85
N SER C 28 25.31 -14.20 31.78
CA SER C 28 26.46 -14.71 31.03
C SER C 28 26.84 -13.82 29.82
N LEU C 29 26.03 -12.80 29.54
CA LEU C 29 26.31 -11.90 28.41
C LEU C 29 27.57 -11.08 28.60
N THR C 30 28.40 -11.04 27.57
CA THR C 30 29.50 -10.09 27.54
C THR C 30 28.90 -8.68 27.36
N ALA C 31 29.73 -7.65 27.56
CA ALA C 31 29.31 -6.27 27.36
C ALA C 31 28.86 -6.04 25.93
N ASP C 32 29.61 -6.56 24.95
CA ASP C 32 29.21 -6.44 23.54
C ASP C 32 27.87 -7.12 23.24
N GLN C 33 27.67 -8.32 23.79
CA GLN C 33 26.40 -9.04 23.67
C GLN C 33 25.22 -8.31 24.34
N MET C 34 25.46 -7.69 25.50
CA MET C 34 24.44 -6.86 26.15
C MET C 34 24.02 -5.69 25.25
N VAL C 35 25.01 -4.97 24.72
CA VAL C 35 24.72 -3.84 23.84
C VAL C 35 23.93 -4.27 22.63
N SER C 36 24.41 -5.34 22.00
CA SER C 36 23.74 -5.91 20.84
C SER C 36 22.31 -6.34 21.16
N ALA C 37 22.09 -7.00 22.29
CA ALA C 37 20.72 -7.37 22.68
C ALA C 37 19.85 -6.12 22.91
N LEU C 38 20.38 -5.11 23.57
CA LEU C 38 19.56 -3.92 23.86
C LEU C 38 19.23 -3.11 22.57
N LEU C 39 20.18 -3.00 21.67
CA LEU C 39 19.93 -2.33 20.40
C LEU C 39 18.88 -3.06 19.60
N ASP C 40 19.00 -4.39 19.56
CA ASP C 40 18.03 -5.24 18.85
C ASP C 40 16.63 -5.26 19.46
N ALA C 41 16.51 -4.96 20.76
CA ALA C 41 15.19 -4.89 21.41
C ALA C 41 14.43 -3.60 21.14
N GLU C 42 15.07 -2.59 20.56
CA GLU C 42 14.46 -1.26 20.43
C GLU C 42 13.12 -1.33 19.72
N PRO C 43 12.11 -0.60 20.24
CA PRO C 43 10.82 -0.59 19.61
C PRO C 43 10.84 0.31 18.39
N PRO C 44 9.80 0.24 17.55
CA PRO C 44 9.76 1.13 16.41
C PRO C 44 9.51 2.61 16.81
N ILE C 45 10.03 3.51 15.99
CA ILE C 45 9.72 4.93 16.11
C ILE C 45 8.31 5.15 15.55
N LEU C 46 7.42 5.68 16.37
CA LEU C 46 6.03 5.83 15.97
C LEU C 46 5.78 7.21 15.37
N TYR C 47 4.96 7.23 14.33
CA TYR C 47 4.48 8.44 13.72
C TYR C 47 3.13 8.84 14.33
N SER C 48 2.80 10.11 14.23
CA SER C 48 1.50 10.63 14.68
C SER C 48 0.54 10.76 13.49
N GLU C 49 -0.76 10.70 13.75
CA GLU C 49 -1.76 11.05 12.75
C GLU C 49 -2.62 12.20 13.23
N TYR C 50 -2.73 13.21 12.38
CA TYR C 50 -3.60 14.35 12.65
C TYR C 50 -3.91 15.07 11.34
N ASP C 51 -4.97 15.89 11.37
CA ASP C 51 -5.28 16.81 10.28
C ASP C 51 -4.28 17.97 10.38
N PRO C 52 -3.38 18.11 9.38
CA PRO C 52 -2.35 19.14 9.47
C PRO C 52 -2.87 20.54 9.07
N THR C 53 -4.12 20.61 8.62
CA THR C 53 -4.75 21.87 8.23
C THR C 53 -5.65 22.43 9.35
N ARG C 54 -5.72 21.71 10.47
CA ARG C 54 -6.47 22.16 11.64
C ARG C 54 -5.48 22.55 12.74
N PRO C 55 -5.70 23.72 13.38
CA PRO C 55 -4.81 24.17 14.44
C PRO C 55 -5.01 23.37 15.72
N PHE C 56 -3.97 23.29 16.56
CA PHE C 56 -4.08 22.62 17.85
C PHE C 56 -5.07 23.32 18.77
N SER C 57 -5.74 22.51 19.59
CA SER C 57 -6.44 22.99 20.76
C SER C 57 -5.85 22.25 21.95
N GLU C 58 -6.20 22.68 23.16
CA GLU C 58 -5.85 21.97 24.38
C GLU C 58 -6.30 20.50 24.30
N ALA C 59 -7.58 20.32 23.97
CA ALA C 59 -8.18 19.01 23.85
C ALA C 59 -7.46 18.15 22.81
N SER C 60 -7.16 18.75 21.66
CA SER C 60 -6.63 18.01 20.52
C SER C 60 -5.15 17.68 20.70
N MET C 61 -4.38 18.58 21.32
CA MET C 61 -2.97 18.33 21.57
C MET C 61 -2.79 17.25 22.64
N MET C 62 -3.50 17.39 23.76
CA MET C 62 -3.46 16.39 24.80
C MET C 62 -3.97 15.06 24.25
N GLY C 63 -5.00 15.15 23.40
CA GLY C 63 -5.53 14.00 22.70
C GLY C 63 -4.49 13.31 21.83
N LEU C 64 -3.72 14.08 21.07
CA LEU C 64 -2.62 13.53 20.25
C LEU C 64 -1.53 12.87 21.09
N LEU C 65 -1.10 13.54 22.15
CA LEU C 65 -0.04 13.00 23.01
C LEU C 65 -0.51 11.74 23.75
N THR C 66 -1.77 11.74 24.18
CA THR C 66 -2.37 10.58 24.82
C THR C 66 -2.42 9.39 23.85
N ASN C 67 -2.87 9.62 22.62
CA ASN C 67 -2.94 8.56 21.59
C ASN C 67 -1.57 7.96 21.32
N LEU C 68 -0.57 8.83 21.16
CA LEU C 68 0.79 8.40 20.94
C LEU C 68 1.33 7.54 22.09
N ALA C 69 1.21 8.06 23.31
CA ALA C 69 1.69 7.33 24.51
C ALA C 69 1.08 5.94 24.60
N ASP C 70 -0.22 5.85 24.35
CA ASP C 70 -0.95 4.60 24.44
C ASP C 70 -0.50 3.58 23.38
N ARG C 71 -0.21 4.05 22.17
CA ARG C 71 0.47 3.21 21.15
C ARG C 71 1.87 2.76 21.56
N GLU C 72 2.66 3.68 22.10
CA GLU C 72 4.00 3.37 22.57
C GLU C 72 4.03 2.32 23.69
N LEU C 73 3.05 2.38 24.58
CA LEU C 73 2.88 1.39 25.62
C LEU C 73 2.75 -0.03 25.08
N VAL C 74 2.02 -0.21 23.99
CA VAL C 74 1.87 -1.53 23.39
C VAL C 74 3.25 -2.07 22.97
N HIS C 75 4.00 -1.23 22.27
CA HIS C 75 5.34 -1.62 21.80
C HIS C 75 6.38 -1.72 22.92
N MET C 76 6.16 -0.99 24.01
CA MET C 76 7.00 -1.09 25.21
C MET C 76 6.98 -2.50 25.79
N ILE C 77 5.84 -3.16 25.69
CA ILE C 77 5.70 -4.52 26.22
C ILE C 77 6.63 -5.46 25.45
N ASN C 78 6.66 -5.34 24.14
CA ASN C 78 7.52 -6.20 23.33
C ASN C 78 8.99 -5.91 23.59
N TRP C 79 9.31 -4.63 23.72
CA TRP C 79 10.67 -4.20 24.08
C TRP C 79 11.10 -4.80 25.43
N ALA C 80 10.26 -4.66 26.47
CA ALA C 80 10.62 -5.08 27.82
C ALA C 80 10.95 -6.57 27.87
N LYS C 81 10.20 -7.37 27.12
CA LYS C 81 10.40 -8.81 27.09
C LYS C 81 11.74 -9.19 26.45
N ARG C 82 12.33 -8.26 25.70
CA ARG C 82 13.61 -8.47 25.08
C ARG C 82 14.78 -7.88 25.89
N VAL C 83 14.48 -7.21 26.99
CA VAL C 83 15.53 -6.70 27.86
C VAL C 83 16.08 -7.91 28.66
N PRO C 84 17.40 -8.18 28.55
CA PRO C 84 17.96 -9.35 29.26
C PRO C 84 17.60 -9.33 30.74
N GLY C 85 17.10 -10.45 31.23
CA GLY C 85 16.69 -10.59 32.63
C GLY C 85 15.20 -10.41 32.89
N PHE C 86 14.51 -9.70 32.02
CA PHE C 86 13.12 -9.31 32.31
C PHE C 86 12.19 -10.51 32.33
N VAL C 87 12.33 -11.39 31.36
CA VAL C 87 11.49 -12.60 31.30
C VAL C 87 11.86 -13.67 32.35
N ASP C 88 12.99 -13.52 33.03
CA ASP C 88 13.31 -14.37 34.16
C ASP C 88 12.40 -14.04 35.36
N LEU C 89 11.84 -12.85 35.39
CA LEU C 89 11.01 -12.44 36.51
C LEU C 89 9.62 -13.07 36.42
N THR C 90 8.97 -13.21 37.57
CA THR C 90 7.56 -13.61 37.63
C THR C 90 6.69 -12.55 36.95
N LEU C 91 5.50 -12.99 36.51
CA LEU C 91 4.53 -12.09 35.89
C LEU C 91 4.27 -10.87 36.77
N HIS C 92 4.14 -11.13 38.08
CA HIS C 92 3.88 -10.09 39.09
C HIS C 92 4.96 -9.02 39.12
N ASP C 93 6.22 -9.46 39.11
CA ASP C 93 7.35 -8.55 39.09
C ASP C 93 7.44 -7.81 37.77
N GLN C 94 7.17 -8.48 36.66
CA GLN C 94 7.19 -7.83 35.35
C GLN C 94 6.16 -6.69 35.26
N VAL C 95 4.96 -6.96 35.75
CA VAL C 95 3.87 -6.00 35.76
C VAL C 95 4.22 -4.78 36.63
N HIS C 96 4.73 -5.05 37.83
CA HIS C 96 5.15 -3.99 38.75
C HIS C 96 6.21 -3.05 38.16
N LEU C 97 7.25 -3.61 37.54
CA LEU C 97 8.33 -2.78 36.99
C LEU C 97 7.77 -1.88 35.91
N LEU C 98 6.95 -2.45 35.03
CA LEU C 98 6.36 -1.68 33.94
C LEU C 98 5.36 -0.65 34.42
N GLU C 99 4.49 -1.02 35.36
CA GLU C 99 3.52 -0.07 35.91
C GLU C 99 4.21 1.16 36.54
N CYS C 100 5.33 0.94 37.24
CA CYS C 100 6.07 2.04 37.87
C CYS C 100 6.95 2.85 36.90
N ALA C 101 7.48 2.20 35.85
CA ALA C 101 8.51 2.81 34.99
C ALA C 101 8.03 3.37 33.67
N TRP C 102 6.80 3.08 33.24
CA TRP C 102 6.42 3.37 31.85
C TRP C 102 6.54 4.83 31.46
N LEU C 103 6.19 5.76 32.33
CA LEU C 103 6.27 7.17 31.93
C LEU C 103 7.72 7.67 31.88
N GLU C 104 8.57 7.20 32.80
CA GLU C 104 10.02 7.49 32.74
C GLU C 104 10.62 6.99 31.44
N ILE C 105 10.18 5.80 31.02
CA ILE C 105 10.62 5.19 29.76
C ILE C 105 10.14 5.99 28.53
N LEU C 106 8.88 6.40 28.51
CA LEU C 106 8.42 7.30 27.43
C LEU C 106 9.23 8.61 27.38
N MET C 107 9.50 9.18 28.56
CA MET C 107 10.19 10.46 28.68
C MET C 107 11.66 10.38 28.29
N ILE C 108 12.35 9.30 28.66
CA ILE C 108 13.76 9.21 28.26
C ILE C 108 13.84 9.06 26.77
N GLY C 109 12.91 8.31 26.16
CA GLY C 109 12.84 8.18 24.73
C GLY C 109 12.61 9.52 24.03
N LEU C 110 11.70 10.32 24.59
CA LEU C 110 11.38 11.64 24.02
C LEU C 110 12.57 12.60 24.05
N VAL C 111 13.24 12.59 25.18
CA VAL C 111 14.40 13.43 25.42
C VAL C 111 15.54 13.02 24.47
N TRP C 112 15.75 11.72 24.29
CA TRP C 112 16.68 11.19 23.29
C TRP C 112 16.38 11.68 21.88
N ARG C 113 15.15 11.52 21.40
CA ARG C 113 14.89 11.90 20.02
C ARG C 113 14.77 13.42 19.80
N SER C 114 14.78 14.19 20.88
CA SER C 114 14.73 15.64 20.81
C SER C 114 16.10 16.33 20.77
N MET C 115 17.19 15.57 20.93
CA MET C 115 18.51 16.16 21.11
C MET C 115 18.91 17.09 19.97
N GLU C 116 18.57 16.71 18.73
CA GLU C 116 18.90 17.52 17.56
C GLU C 116 17.95 18.67 17.31
N HIS C 117 17.05 18.94 18.25
CA HIS C 117 16.04 19.98 18.08
C HIS C 117 15.96 20.87 19.31
N PRO C 118 16.97 21.75 19.48
CA PRO C 118 16.99 22.61 20.68
C PRO C 118 15.73 23.45 20.76
N GLY C 119 15.18 23.57 21.95
CA GLY C 119 13.95 24.33 22.18
C GLY C 119 12.66 23.61 21.82
N LYS C 120 12.75 22.39 21.29
CA LYS C 120 11.57 21.63 20.87
C LYS C 120 11.63 20.17 21.32
N LEU C 121 10.47 19.53 21.31
CA LEU C 121 10.34 18.13 21.65
C LEU C 121 9.79 17.39 20.44
N LEU C 122 10.56 16.41 19.97
CA LEU C 122 10.17 15.59 18.83
C LEU C 122 9.39 14.39 19.35
N PHE C 123 8.10 14.59 19.55
CA PHE C 123 7.22 13.49 19.97
C PHE C 123 7.18 12.36 18.95
N ALA C 124 7.14 12.73 17.68
CA ALA C 124 7.18 11.81 16.57
C ALA C 124 7.90 12.53 15.43
N PRO C 125 8.37 11.79 14.42
CA PRO C 125 9.05 12.47 13.31
C PRO C 125 8.20 13.54 12.64
N ASN C 126 6.88 13.40 12.69
CA ASN C 126 5.96 14.40 12.11
C ASN C 126 5.21 15.21 13.17
N LEU C 127 5.73 15.22 14.41
CA LEU C 127 5.13 15.99 15.51
C LEU C 127 6.23 16.57 16.39
N LEU C 128 6.65 17.79 16.02
CA LEU C 128 7.71 18.54 16.69
C LEU C 128 7.04 19.75 17.33
N LEU C 129 7.08 19.83 18.66
CA LEU C 129 6.41 20.88 19.39
C LEU C 129 7.41 21.77 20.13
N ASP C 130 7.28 23.07 19.99
CA ASP C 130 8.17 23.95 20.75
C ASP C 130 7.51 24.29 22.09
N ARG C 131 8.28 24.95 22.94
CA ARG C 131 7.87 25.28 24.30
C ARG C 131 6.56 26.09 24.34
N ASN C 132 6.42 27.05 23.43
CA ASN C 132 5.20 27.85 23.41
C ASN C 132 3.95 27.04 23.08
N GLN C 133 4.11 25.94 22.35
CA GLN C 133 3.00 25.04 22.07
C GLN C 133 2.60 24.21 23.29
N GLY C 134 3.55 23.93 24.18
CA GLY C 134 3.26 23.27 25.45
C GLY C 134 2.25 24.00 26.32
N LYS C 135 2.19 25.32 26.19
CA LYS C 135 1.21 26.14 26.93
C LYS C 135 -0.24 25.89 26.50
N CYS C 136 -0.45 25.21 25.37
CA CYS C 136 -1.80 24.78 24.94
C CYS C 136 -2.54 23.98 26.00
N VAL C 137 -1.79 23.15 26.73
CA VAL C 137 -2.35 22.29 27.78
C VAL C 137 -1.98 22.84 29.15
N GLU C 138 -3.00 23.22 29.93
CA GLU C 138 -2.78 23.78 31.26
C GLU C 138 -1.82 22.91 32.07
N GLY C 139 -0.78 23.54 32.61
CA GLY C 139 0.21 22.85 33.46
C GLY C 139 1.35 22.16 32.72
N MET C 140 1.18 21.88 31.43
CA MET C 140 2.14 21.05 30.70
C MET C 140 3.48 21.74 30.45
N VAL C 141 3.52 23.07 30.44
CA VAL C 141 4.73 23.79 30.05
C VAL C 141 5.86 23.62 31.08
N GLU C 142 5.51 23.42 32.35
CA GLU C 142 6.50 23.11 33.39
C GLU C 142 7.23 21.78 33.09
N ILE C 143 6.46 20.80 32.62
CA ILE C 143 7.01 19.49 32.23
C ILE C 143 7.88 19.66 30.97
N PHE C 144 7.34 20.35 29.95
CA PHE C 144 8.11 20.62 28.71
C PHE C 144 9.49 21.21 29.03
N ASP C 145 9.54 22.20 29.92
CA ASP C 145 10.82 22.85 30.24
C ASP C 145 11.82 21.90 30.91
N MET C 146 11.32 20.99 31.73
CA MET C 146 12.19 20.00 32.36
C MET C 146 12.73 19.02 31.32
N LEU C 147 11.85 18.59 30.41
CA LEU C 147 12.20 17.68 29.33
C LEU C 147 13.22 18.31 28.38
N LEU C 148 13.03 19.57 28.02
CA LEU C 148 13.95 20.30 27.18
C LEU C 148 15.33 20.45 27.81
N ALA C 149 15.38 20.80 29.11
CA ALA C 149 16.67 20.86 29.80
C ALA C 149 17.40 19.51 29.82
N THR C 150 16.65 18.42 29.97
CA THR C 150 17.25 17.09 30.05
C THR C 150 17.82 16.71 28.69
N SER C 151 17.08 17.06 27.63
CA SER C 151 17.50 16.78 26.29
C SER C 151 18.78 17.56 25.97
N SER C 152 18.81 18.82 26.39
CA SER C 152 19.99 19.65 26.20
C SER C 152 21.20 19.12 26.97
N ARG C 153 20.96 18.57 28.15
CA ARG C 153 22.03 17.96 28.94
C ARG C 153 22.62 16.73 28.25
N PHE C 154 21.76 15.87 27.71
CA PHE C 154 22.21 14.70 26.97
C PHE C 154 22.99 15.13 25.71
N ARG C 155 22.55 16.18 25.05
CA ARG C 155 23.26 16.69 23.87
C ARG C 155 24.67 17.17 24.25
N MET C 156 24.73 17.97 25.29
CA MET C 156 25.98 18.50 25.81
C MET C 156 26.97 17.40 26.22
N MET C 157 26.44 16.29 26.71
CA MET C 157 27.23 15.13 27.09
C MET C 157 27.60 14.22 25.92
N ASN C 158 27.05 14.48 24.73
CA ASN C 158 27.21 13.62 23.55
C ASN C 158 26.78 12.16 23.83
N LEU C 159 25.62 11.99 24.48
CA LEU C 159 25.07 10.67 24.80
C LEU C 159 25.05 9.84 23.55
N GLN C 160 25.56 8.61 23.63
CA GLN C 160 25.51 7.66 22.53
C GLN C 160 24.27 6.78 22.58
N GLY C 161 23.86 6.28 21.42
CA GLY C 161 22.71 5.37 21.35
C GLY C 161 22.87 4.13 22.21
N GLU C 162 24.09 3.62 22.30
CA GLU C 162 24.41 2.44 23.09
C GLU C 162 24.28 2.75 24.58
N GLU C 163 24.66 3.97 24.96
CA GLU C 163 24.48 4.43 26.33
C GLU C 163 23.01 4.64 26.66
N PHE C 164 22.28 5.28 25.75
CA PHE C 164 20.83 5.47 25.89
C PHE C 164 20.09 4.15 26.17
N VAL C 165 20.39 3.10 25.42
CA VAL C 165 19.64 1.86 25.61
C VAL C 165 19.97 1.22 26.96
N CYS C 166 21.20 1.39 27.42
CA CYS C 166 21.56 0.95 28.77
C CYS C 166 20.77 1.71 29.83
N LEU C 167 20.69 3.02 29.71
CA LEU C 167 19.93 3.85 30.69
C LEU C 167 18.45 3.50 30.71
N LYS C 168 17.85 3.27 29.55
CA LYS C 168 16.42 2.94 29.49
C LYS C 168 16.08 1.62 30.17
N SER C 169 16.93 0.61 29.96
CA SER C 169 16.82 -0.66 30.67
C SER C 169 17.07 -0.55 32.17
N ILE C 170 18.03 0.29 32.55
CA ILE C 170 18.21 0.61 33.98
C ILE C 170 16.94 1.18 34.59
N ILE C 171 16.29 2.10 33.89
CA ILE C 171 15.02 2.66 34.38
C ILE C 171 13.97 1.58 34.65
N LEU C 172 13.80 0.69 33.67
CA LEU C 172 12.85 -0.40 33.79
C LEU C 172 13.16 -1.25 35.00
N LEU C 173 14.42 -1.63 35.14
CA LEU C 173 14.79 -2.56 36.19
C LEU C 173 14.85 -1.88 37.56
N ASN C 174 15.19 -0.59 37.60
CA ASN C 174 15.28 0.19 38.87
C ASN C 174 13.93 0.82 39.26
N SER C 175 12.93 0.61 38.43
CA SER C 175 11.56 1.08 38.59
C SER C 175 10.95 0.93 39.99
N GLY C 176 10.42 2.03 40.53
CA GLY C 176 9.68 2.04 41.79
C GLY C 176 10.63 2.13 42.95
N VAL C 177 10.25 1.51 44.07
CA VAL C 177 11.11 1.42 45.25
C VAL C 177 10.90 0.03 45.88
N GLU C 189 20.37 -13.38 48.64
CA GLU C 189 19.96 -12.42 49.68
C GLU C 189 20.70 -11.09 49.49
N GLU C 190 22.02 -11.12 49.25
CA GLU C 190 22.75 -9.85 49.07
C GLU C 190 22.22 -9.04 47.88
N LYS C 191 22.03 -9.73 46.76
CA LYS C 191 21.59 -9.14 45.51
C LYS C 191 20.53 -10.04 44.89
N ASP C 192 19.38 -9.46 44.54
CA ASP C 192 18.41 -10.24 43.83
C ASP C 192 18.82 -10.23 42.35
N HIS C 193 18.01 -10.89 41.55
CA HIS C 193 18.27 -11.01 40.12
C HIS C 193 18.39 -9.65 39.46
N ILE C 194 17.46 -8.76 39.75
CA ILE C 194 17.45 -7.42 39.16
C ILE C 194 18.73 -6.66 39.45
N HIS C 195 19.16 -6.72 40.71
CA HIS C 195 20.43 -6.11 41.15
C HIS C 195 21.62 -6.65 40.35
N ARG C 196 21.66 -7.96 40.15
CA ARG C 196 22.76 -8.59 39.39
C ARG C 196 22.77 -8.17 37.92
N VAL C 197 21.60 -8.11 37.31
CA VAL C 197 21.45 -7.61 35.95
C VAL C 197 21.81 -6.15 35.86
N LEU C 198 21.40 -5.35 36.85
CA LEU C 198 21.79 -3.94 36.84
C LEU C 198 23.32 -3.78 36.90
N ASP C 199 23.99 -4.65 37.66
CA ASP C 199 25.48 -4.62 37.74
C ASP C 199 26.08 -4.88 36.35
N LYS C 200 25.49 -5.81 35.60
CA LYS C 200 25.96 -6.09 34.25
C LYS C 200 25.77 -4.92 33.30
N ILE C 201 24.66 -4.19 33.45
CA ILE C 201 24.45 -2.99 32.62
C ILE C 201 25.45 -1.89 33.00
N THR C 202 25.79 -1.76 34.28
CA THR C 202 26.85 -0.84 34.68
C THR C 202 28.18 -1.22 34.01
N ASP C 203 28.55 -2.50 34.10
CA ASP C 203 29.75 -2.98 33.41
C ASP C 203 29.75 -2.61 31.92
N THR C 204 28.58 -2.69 31.29
CA THR C 204 28.41 -2.44 29.86
C THR C 204 28.59 -0.95 29.55
N LEU C 205 27.99 -0.08 30.36
CA LEU C 205 28.21 1.37 30.24
C LEU C 205 29.69 1.74 30.34
N ILE C 206 30.37 1.19 31.35
CA ILE C 206 31.80 1.45 31.55
C ILE C 206 32.63 0.93 30.36
N HIS C 207 32.31 -0.28 29.88
CA HIS C 207 32.92 -0.82 28.68
C HIS C 207 32.80 0.12 27.46
N LEU C 208 31.60 0.62 27.22
CA LEU C 208 31.37 1.58 26.15
C LEU C 208 32.27 2.82 26.31
N MET C 209 32.37 3.33 27.53
CA MET C 209 33.20 4.50 27.79
C MET C 209 34.70 4.25 27.60
N ALA C 210 35.17 3.11 28.10
CA ALA C 210 36.54 2.65 27.95
C ALA C 210 36.92 2.51 26.47
N LYS C 211 36.00 1.94 25.69
CA LYS C 211 36.24 1.67 24.27
C LYS C 211 36.32 2.99 23.49
N ALA C 212 35.58 4.01 23.95
CA ALA C 212 35.65 5.37 23.37
C ALA C 212 36.91 6.15 23.80
N GLY C 213 37.75 5.56 24.65
CA GLY C 213 39.03 6.15 25.03
C GLY C 213 38.99 6.98 26.31
N LEU C 214 37.89 6.93 27.05
CA LEU C 214 37.83 7.72 28.29
C LEU C 214 38.79 7.13 29.33
N THR C 215 39.40 8.00 30.12
CA THR C 215 40.27 7.54 31.21
C THR C 215 39.37 6.98 32.30
N LEU C 216 39.96 6.27 33.26
CA LEU C 216 39.14 5.64 34.30
C LEU C 216 38.39 6.71 35.09
N GLN C 217 39.05 7.81 35.41
CA GLN C 217 38.39 8.92 36.12
C GLN C 217 37.20 9.49 35.34
N GLN C 218 37.39 9.69 34.03
CA GLN C 218 36.33 10.13 33.13
C GLN C 218 35.18 9.15 33.03
N GLN C 219 35.50 7.86 33.02
CA GLN C 219 34.49 6.82 32.99
C GLN C 219 33.61 6.91 34.23
N HIS C 220 34.22 6.97 35.42
CA HIS C 220 33.39 7.03 36.63
C HIS C 220 32.61 8.33 36.72
N GLN C 221 33.20 9.44 36.31
CA GLN C 221 32.49 10.71 36.31
C GLN C 221 31.27 10.70 35.39
N ARG C 222 31.40 10.12 34.20
CA ARG C 222 30.32 10.11 33.21
C ARG C 222 29.22 9.15 33.63
N LEU C 223 29.61 8.00 34.17
CA LEU C 223 28.64 7.09 34.77
C LEU C 223 27.79 7.80 35.81
N ALA C 224 28.43 8.54 36.72
CA ALA C 224 27.68 9.28 37.74
C ALA C 224 26.74 10.33 37.13
N GLN C 225 27.24 11.10 36.16
CA GLN C 225 26.48 12.19 35.53
C GLN C 225 25.22 11.57 34.89
N LEU C 226 25.38 10.47 34.18
CA LEU C 226 24.25 9.80 33.56
C LEU C 226 23.21 9.29 34.57
N LEU C 227 23.66 8.62 35.63
CA LEU C 227 22.72 8.09 36.60
C LEU C 227 22.02 9.18 37.40
N LEU C 228 22.69 10.31 37.63
CA LEU C 228 22.06 11.44 38.32
C LEU C 228 20.92 12.00 37.50
N ILE C 229 21.06 11.98 36.17
CA ILE C 229 19.97 12.41 35.29
C ILE C 229 18.73 11.50 35.44
N LEU C 230 18.93 10.23 35.76
CA LEU C 230 17.79 9.34 36.04
C LEU C 230 16.96 9.82 37.22
N SER C 231 17.57 10.47 38.21
CA SER C 231 16.79 11.08 39.29
C SER C 231 15.85 12.16 38.77
N HIS C 232 16.35 12.97 37.85
CA HIS C 232 15.54 14.01 37.23
C HIS C 232 14.42 13.40 36.37
N ILE C 233 14.70 12.30 35.68
CA ILE C 233 13.66 11.60 34.91
C ILE C 233 12.58 11.03 35.80
N ARG C 234 12.96 10.47 36.96
CA ARG C 234 11.99 10.03 37.96
C ARG C 234 11.13 11.20 38.39
N HIS C 235 11.76 12.34 38.67
CA HIS C 235 11.05 13.53 39.11
C HIS C 235 9.98 13.95 38.06
N MET C 236 10.40 14.01 36.81
CA MET C 236 9.55 14.44 35.71
C MET C 236 8.38 13.48 35.56
N SER C 237 8.65 12.16 35.64
CA SER C 237 7.59 11.16 35.64
C SER C 237 6.60 11.36 36.79
N ASN C 238 7.09 11.60 38.00
CA ASN C 238 6.18 11.83 39.14
C ASN C 238 5.29 13.04 38.89
N LYS C 239 5.87 14.13 38.39
CA LYS C 239 5.07 15.33 38.08
C LYS C 239 4.06 15.05 36.98
N GLY C 240 4.48 14.28 35.97
CA GLY C 240 3.59 13.88 34.88
C GLY C 240 2.39 13.03 35.32
N MET C 241 2.65 12.03 36.15
CA MET C 241 1.60 11.15 36.69
C MET C 241 0.62 11.94 37.54
N GLU C 242 1.15 12.88 38.33
CA GLU C 242 0.34 13.86 39.05
C GLU C 242 -0.61 14.59 38.13
N HIS C 243 -0.06 15.15 37.05
CA HIS C 243 -0.82 15.95 36.08
C HIS C 243 -1.88 15.10 35.39
N LEU C 244 -1.52 13.87 35.02
CA LEU C 244 -2.46 12.93 34.40
C LEU C 244 -3.60 12.52 35.36
N TYR C 245 -3.26 12.24 36.62
CA TYR C 245 -4.27 11.85 37.62
C TYR C 245 -5.21 13.01 37.93
N SER C 246 -4.68 14.24 37.99
CA SER C 246 -5.50 15.41 38.31
C SER C 246 -6.43 15.85 37.18
N MET C 247 -6.12 15.49 35.93
CA MET C 247 -7.00 15.85 34.81
C MET C 247 -8.02 14.74 34.49
N LYS C 248 -7.78 13.52 34.99
CA LYS C 248 -8.68 12.39 34.75
C LYS C 248 -10.04 12.57 35.42
N SER D 1 -15.75 9.56 6.87
CA SER D 1 -14.76 8.57 7.37
C SER D 1 -13.52 8.60 6.48
N PRO D 2 -12.37 8.11 7.00
CA PRO D 2 -11.15 8.13 6.18
C PRO D 2 -11.37 7.53 4.79
N GLY D 3 -10.84 8.19 3.76
CA GLY D 3 -10.95 7.72 2.38
C GLY D 3 -12.14 8.29 1.59
N SER D 4 -13.07 8.94 2.28
CA SER D 4 -14.21 9.56 1.61
C SER D 4 -13.79 10.85 0.91
N ARG D 5 -14.63 11.32 0.00
CA ARG D 5 -14.39 12.55 -0.74
C ARG D 5 -14.15 13.73 0.21
N GLU D 6 -15.03 13.88 1.19
CA GLU D 6 -15.02 15.03 2.10
C GLU D 6 -13.78 14.98 3.00
N TRP D 7 -13.42 13.77 3.44
CA TRP D 7 -12.20 13.55 4.24
C TRP D 7 -10.95 13.96 3.45
N PHE D 8 -10.82 13.46 2.22
CA PHE D 8 -9.70 13.86 1.38
C PHE D 8 -9.66 15.38 1.21
N LYS D 9 -10.81 15.99 0.88
CA LYS D 9 -10.90 17.45 0.72
C LYS D 9 -10.46 18.18 1.99
N ASP D 10 -10.98 17.75 3.14
CA ASP D 10 -10.60 18.34 4.43
C ASP D 10 -9.10 18.20 4.67
N MET D 11 -8.56 17.02 4.40
CA MET D 11 -7.14 16.77 4.66
C MET D 11 -6.21 17.51 3.68
N LEU D 12 -6.70 17.77 2.48
CA LEU D 12 -5.89 18.35 1.41
C LEU D 12 -5.91 19.88 1.38
N SER D 13 -6.76 20.51 2.20
CA SER D 13 -6.93 21.97 2.16
C SER D 13 -7.29 22.56 3.53
N SER E 1 -27.26 -21.01 -18.02
CA SER E 1 -27.57 -19.74 -18.74
C SER E 1 -26.31 -19.19 -19.41
N PRO E 2 -26.47 -18.41 -20.51
CA PRO E 2 -25.29 -17.88 -21.20
C PRO E 2 -24.40 -17.08 -20.26
N GLY E 3 -23.09 -17.26 -20.39
CA GLY E 3 -22.13 -16.60 -19.51
C GLY E 3 -21.81 -17.35 -18.20
N SER E 4 -22.57 -18.39 -17.88
CA SER E 4 -22.28 -19.20 -16.69
C SER E 4 -21.07 -20.11 -16.93
N ARG E 5 -20.48 -20.58 -15.83
CA ARG E 5 -19.36 -21.52 -15.89
C ARG E 5 -19.72 -22.78 -16.67
N GLU E 6 -20.85 -23.38 -16.33
CA GLU E 6 -21.31 -24.59 -17.00
C GLU E 6 -21.54 -24.35 -18.50
N TRP E 7 -22.14 -23.20 -18.83
CA TRP E 7 -22.41 -22.84 -20.22
C TRP E 7 -21.09 -22.69 -21.00
N PHE E 8 -20.12 -21.99 -20.43
CA PHE E 8 -18.81 -21.84 -21.05
C PHE E 8 -18.18 -23.21 -21.26
N LYS E 9 -18.22 -24.07 -20.24
CA LYS E 9 -17.66 -25.42 -20.35
C LYS E 9 -18.29 -26.17 -21.51
N ASP E 10 -19.62 -26.15 -21.58
CA ASP E 10 -20.32 -26.85 -22.64
C ASP E 10 -20.02 -26.29 -24.02
N MET E 11 -19.96 -24.97 -24.13
CA MET E 11 -19.68 -24.32 -25.42
C MET E 11 -18.24 -24.54 -25.90
N LEU E 12 -17.30 -24.69 -24.97
CA LEU E 12 -15.86 -24.78 -25.28
C LEU E 12 -15.35 -26.23 -25.50
N SER E 13 -16.14 -27.23 -25.14
CA SER E 13 -15.75 -28.61 -25.45
C SER E 13 -16.61 -29.03 -26.63
N SER F 1 -7.52 0.51 30.33
CA SER F 1 -6.69 1.75 30.32
C SER F 1 -5.20 1.43 30.19
N PRO F 2 -4.60 1.73 29.01
CA PRO F 2 -3.17 1.47 28.82
C PRO F 2 -2.30 2.00 29.95
N GLY F 3 -1.38 1.18 30.44
CA GLY F 3 -0.46 1.57 31.48
C GLY F 3 -0.89 1.13 32.88
N SER F 4 -2.17 0.81 33.05
CA SER F 4 -2.66 0.30 34.35
C SER F 4 -2.08 -1.09 34.62
N ARG F 5 -2.04 -1.45 35.91
CA ARG F 5 -1.57 -2.75 36.33
C ARG F 5 -2.32 -3.88 35.61
N GLU F 6 -3.63 -3.74 35.52
CA GLU F 6 -4.48 -4.79 34.95
C GLU F 6 -4.20 -4.91 33.44
N TRP F 7 -4.09 -3.77 32.77
CA TRP F 7 -3.70 -3.73 31.35
C TRP F 7 -2.34 -4.41 31.11
N PHE F 8 -1.33 -4.05 31.89
CA PHE F 8 -0.02 -4.72 31.77
C PHE F 8 -0.12 -6.22 32.00
N LYS F 9 -0.83 -6.64 33.06
CA LYS F 9 -1.05 -8.05 33.32
C LYS F 9 -1.71 -8.77 32.13
N ASP F 10 -2.80 -8.21 31.61
CA ASP F 10 -3.48 -8.75 30.41
C ASP F 10 -2.50 -8.90 29.23
N MET F 11 -1.70 -7.88 28.98
CA MET F 11 -0.79 -7.86 27.83
C MET F 11 0.39 -8.82 27.96
N LEU F 12 0.81 -9.11 29.20
CA LEU F 12 1.95 -9.97 29.46
C LEU F 12 1.59 -11.46 29.62
N SER F 13 0.31 -11.78 29.72
CA SER F 13 -0.10 -13.14 30.05
C SER F 13 -1.27 -13.65 29.20
C10 OHT G . -7.32 -7.08 1.93
C9 OHT G . -6.99 -6.31 3.20
C8 OHT G . -8.00 -5.21 3.53
C11 OHT G . -9.38 -5.53 3.41
C16 OHT G . -10.13 -4.89 2.42
C15 OHT G . -11.47 -5.16 2.18
C14 OHT G . -12.11 -6.15 2.93
C13 OHT G . -11.37 -6.83 3.91
C12 OHT G . -10.02 -6.53 4.14
C7 OHT G . -7.56 -3.92 3.90
C1 OHT G . -6.22 -3.51 3.92
C2 OHT G . -5.65 -2.84 5.02
C3 OHT G . -4.35 -2.37 4.99
C4 OHT G . -3.58 -2.50 3.83
O4 OHT G . -2.31 -2.01 3.81
C5 OHT G . -4.12 -3.12 2.74
C6 OHT G . -5.43 -3.61 2.77
C17 OHT G . -8.48 -2.89 4.23
C18 OHT G . -8.49 -1.68 3.53
C19 OHT G . -9.38 -0.67 3.84
C20 OHT G . -10.28 -0.81 4.89
O20 OHT G . -11.15 0.24 5.11
C23 OHT G . -11.50 0.67 6.39
C24 OHT G . -12.58 1.72 6.17
N24 OHT G . -12.01 3.09 6.17
C25 OHT G . -11.35 3.38 4.89
C26 OHT G . -13.11 4.05 6.38
C21 OHT G . -10.27 -1.99 5.63
C22 OHT G . -9.38 -3.02 5.30
C BCT H . 3.95 3.79 13.23
O1 BCT H . 5.10 3.69 12.78
O2 BCT H . 3.51 4.89 13.68
O3 BCT H . 3.21 2.69 13.24
C1 EDO I . 1.38 -6.53 20.00
O1 EDO I . 2.26 -7.42 20.70
C2 EDO I . 1.98 -6.12 18.66
O2 EDO I . 3.25 -6.73 18.39
C1 EDO J . 10.39 0.41 -1.52
O1 EDO J . 9.64 1.42 -0.86
C2 EDO J . 11.37 1.08 -2.45
O2 EDO J . 12.60 0.35 -2.47
C10 OHT K . -22.53 -1.43 -20.59
C9 OHT K . -23.71 -2.10 -21.29
C8 OHT K . -24.16 -3.44 -20.66
C11 OHT K . -24.56 -3.42 -19.31
C16 OHT K . -23.79 -4.20 -18.43
C15 OHT K . -24.02 -4.23 -17.05
C14 OHT K . -25.05 -3.44 -16.53
C13 OHT K . -25.80 -2.64 -17.40
C12 OHT K . -25.55 -2.61 -18.77
C7 OHT K . -24.11 -4.65 -21.38
C1 OHT K . -23.60 -4.76 -22.70
C2 OHT K . -24.29 -5.40 -23.72
C3 OHT K . -23.71 -5.56 -24.98
C4 OHT K . -22.41 -5.10 -25.21
O4 OHT K . -21.85 -5.28 -26.44
C5 OHT K . -21.71 -4.49 -24.21
C6 OHT K . -22.30 -4.33 -22.96
C17 OHT K . -24.55 -5.88 -20.85
C18 OHT K . -23.79 -7.06 -20.80
C19 OHT K . -24.35 -8.25 -20.32
C20 OHT K . -25.68 -8.28 -19.89
O20 OHT K . -26.30 -9.37 -19.38
C23 OHT K . -25.73 -10.63 -19.59
C24 OHT K . -26.80 -11.63 -19.07
N24 OHT K . -26.40 -12.97 -19.52
C25 OHT K . -24.94 -13.07 -19.34
C26 OHT K . -27.09 -14.08 -18.82
C21 OHT K . -26.46 -7.11 -19.94
C22 OHT K . -25.88 -5.95 -20.43
C1 EDO L . -13.18 5.20 -16.85
O1 EDO L . -13.04 4.70 -18.18
C2 EDO L . -13.24 4.00 -15.91
O2 EDO L . -12.27 4.15 -14.88
C1 EDO M . -10.84 -4.72 -36.63
O1 EDO M . -9.98 -4.17 -37.62
C2 EDO M . -12.00 -3.77 -36.42
O2 EDO M . -13.00 -4.44 -35.69
C10 OHT N . 5.47 15.18 28.73
C9 OHT N . 4.68 14.65 27.55
C8 OHT N . 3.47 13.82 28.00
C11 OHT N . 2.63 14.34 29.00
C16 OHT N . 2.61 13.68 30.24
C15 OHT N . 1.86 14.14 31.30
C14 OHT N . 1.10 15.29 31.16
C13 OHT N . 1.12 15.98 29.94
C12 OHT N . 1.89 15.52 28.88
C7 OHT N . 3.24 12.53 27.48
C1 OHT N . 4.08 11.90 26.55
C2 OHT N . 3.56 11.25 25.45
C3 OHT N . 4.39 10.56 24.56
C4 OHT N . 5.75 10.49 24.82
O4 OHT N . 6.55 9.81 23.98
C5 OHT N . 6.29 11.12 25.94
C6 OHT N . 5.45 11.80 26.82
C17 OHT N . 2.13 11.74 27.86
C18 OHT N . 2.24 10.44 28.38
C19 OHT N . 1.08 9.71 28.70
C20 OHT N . -0.16 10.29 28.50
O20 OHT N . -1.35 9.67 28.79
C23 OHT N . -1.30 8.31 29.11
C24 OHT N . -2.79 7.96 29.14
N24 OHT N . -2.92 6.50 29.06
C25 OHT N . -1.80 5.87 29.79
C26 OHT N . -4.22 6.08 29.63
C21 OHT N . -0.28 11.58 27.98
C22 OHT N . 0.87 12.29 27.66
C1 EDO O . 1.28 15.03 9.45
O1 EDO O . 2.24 14.11 8.94
C2 EDO O . -0.04 14.80 8.76
O2 EDO O . -0.77 13.86 9.54
C1 EDO P . 18.23 3.99 19.54
O1 EDO P . 18.54 5.29 19.06
C2 EDO P . 19.52 3.19 19.63
O2 EDO P . 20.54 3.88 18.90
CA CA Q . -8.96 21.32 6.04
CA CA R . -4.17 -11.70 28.20
#